data_7WA3
#
_entry.id   7WA3
#
_cell.length_a   67.697
_cell.length_b   97.725
_cell.length_c   105.063
_cell.angle_alpha   90.000
_cell.angle_beta   91.988
_cell.angle_gamma   90.000
#
_symmetry.space_group_name_H-M   'P 1 21 1'
#
loop_
_entity.id
_entity.type
_entity.pdbx_description
1 polymer 'Angiotensin-converting enzyme'
2 branched 2-acetamido-2-deoxy-beta-D-glucopyranose-(1-4)-[alpha-L-fucopyranose-(1-6)]2-acetamido-2-deoxy-beta-D-glucopyranose
3 non-polymer 2-acetamido-2-deoxy-beta-D-glucopyranose
4 non-polymer 'ZINC ION'
5 water water
#
_entity_poly.entity_id   1
_entity_poly.type   'polypeptide(L)'
_entity_poly.pdbx_seq_one_letter_code
;STTEDLAKTFLEKFNYEAEELSYQNSLASWNYNTNITDENIQKMNIAGAKWSAFYEEESQHAKTYPLEEIQDPIIKRQLR
ALQQSGSSVLSADKRERLNTILNAMSTIYSTGKACNPNNPQECLLLEPGLDDIMENSKDYNERLWAWEGWRSEVGKQLRP
LYEEYVALKNEMARANNYEDYGDYWRGDYEEEWADGYNYSRNQLIEDVEHTFTQIKPLYEHLHAYVRAKLMDAYPSRISP
TGCLPAHLLGDMWGRFWTNLYPLMVPFGQKPNIDVTDAMVNQSWDARRIFKEAEKFFVSVGLPNMTEGFWQNSMLTEPGD
NRKVVCHPTAWDLGKHDFRIKMCTKVTMDDFLTAHHEMGHIQYDMAYAAQPFLLRNGANEGFHEAVGEIMSLSAATPNHL
KNIGLLPPDFSEDSETDINFLLKQALTIVGTLPFTYMLEKWRWMVFKGEIPKEQWMQKWWEMKRDIVGVVEPLPHDETYC
DPAALFHVANDYSFIRYYTRTIYQFQFQEALCQIAKHEGPLYKCDISNSREAGQKLHEMLSLGRSKPWTFALERVVGAKT
MDVRPLLNYFEPLFTWLKEQNRNSFVGWNTDWSPYADHHHHHH
;
_entity_poly.pdbx_strand_id   A,B
#
loop_
_chem_comp.id
_chem_comp.type
_chem_comp.name
_chem_comp.formula
FUC L-saccharide, alpha linking alpha-L-fucopyranose 'C6 H12 O5'
NAG D-saccharide, beta linking 2-acetamido-2-deoxy-beta-D-glucopyranose 'C8 H15 N O6'
ZN non-polymer 'ZINC ION' 'Zn 2'
#
# COMPACT_ATOMS: atom_id res chain seq x y z
N SER A 1 6.99 -36.30 2.91
CA SER A 1 8.32 -35.83 3.27
C SER A 1 8.42 -34.31 3.25
N THR A 2 8.51 -33.74 2.05
CA THR A 2 8.56 -32.29 1.95
C THR A 2 7.20 -31.69 2.29
N THR A 3 7.22 -30.39 2.61
CA THR A 3 5.98 -29.69 2.94
C THR A 3 5.03 -29.62 1.75
N GLU A 4 5.58 -29.49 0.54
CA GLU A 4 4.72 -29.43 -0.65
C GLU A 4 4.11 -30.79 -0.96
N ASP A 5 4.84 -31.88 -0.68
CA ASP A 5 4.29 -33.22 -0.88
C ASP A 5 3.15 -33.50 0.09
N LEU A 6 3.30 -33.09 1.34
CA LEU A 6 2.26 -33.32 2.34
C LEU A 6 1.00 -32.52 2.04
N ALA A 7 1.16 -31.28 1.59
CA ALA A 7 0.01 -30.44 1.28
C ALA A 7 -0.69 -30.89 0.01
N LYS A 8 0.05 -31.45 -0.95
CA LYS A 8 -0.56 -31.93 -2.18
C LYS A 8 -1.51 -33.09 -1.90
N THR A 9 -1.12 -34.00 -1.02
CA THR A 9 -2.01 -35.07 -0.63
C THR A 9 -3.16 -34.56 0.23
N PHE A 10 -2.89 -33.56 1.07
CA PHE A 10 -3.95 -32.95 1.87
C PHE A 10 -5.01 -32.30 0.99
N LEU A 11 -4.59 -31.58 -0.06
CA LEU A 11 -5.54 -30.91 -0.93
C LEU A 11 -6.34 -31.90 -1.77
N GLU A 12 -5.74 -33.03 -2.15
CA GLU A 12 -6.48 -34.03 -2.91
C GLU A 12 -7.59 -34.65 -2.08
N LYS A 13 -7.30 -35.06 -0.84
CA LYS A 13 -8.33 -35.58 0.05
C LYS A 13 -9.42 -34.54 0.29
N PHE A 14 -9.03 -33.28 0.47
CA PHE A 14 -10.00 -32.23 0.71
C PHE A 14 -10.97 -32.09 -0.46
N ASN A 15 -10.45 -32.17 -1.69
CA ASN A 15 -11.30 -31.94 -2.86
C ASN A 15 -12.40 -32.98 -2.96
N TYR A 16 -12.06 -34.25 -2.76
CA TYR A 16 -13.06 -35.31 -2.89
C TYR A 16 -14.06 -35.28 -1.76
N GLU A 17 -13.61 -34.97 -0.54
CA GLU A 17 -14.54 -34.79 0.58
C GLU A 17 -15.44 -33.58 0.35
N ALA A 18 -14.85 -32.45 -0.05
CA ALA A 18 -15.65 -31.26 -0.30
C ALA A 18 -16.61 -31.48 -1.45
N GLU A 19 -16.21 -32.25 -2.46
CA GLU A 19 -17.09 -32.52 -3.59
C GLU A 19 -18.39 -33.19 -3.14
N GLU A 20 -18.29 -34.14 -2.20
CA GLU A 20 -19.47 -34.88 -1.76
C GLU A 20 -20.33 -34.04 -0.81
N LEU A 21 -19.70 -33.40 0.18
CA LEU A 21 -20.47 -32.67 1.18
C LEU A 21 -21.06 -31.38 0.62
N SER A 22 -20.33 -30.69 -0.25
CA SER A 22 -20.89 -29.49 -0.86
C SER A 22 -22.02 -29.83 -1.84
N TYR A 23 -21.95 -30.99 -2.49
CA TYR A 23 -23.02 -31.40 -3.39
C TYR A 23 -24.31 -31.65 -2.61
N GLN A 24 -24.22 -32.37 -1.49
CA GLN A 24 -25.40 -32.62 -0.67
C GLN A 24 -25.96 -31.31 -0.12
N ASN A 25 -25.09 -30.36 0.21
CA ASN A 25 -25.55 -29.08 0.72
C ASN A 25 -26.26 -28.26 -0.36
N SER A 26 -25.76 -28.32 -1.59
CA SER A 26 -26.42 -27.61 -2.68
C SER A 26 -27.70 -28.32 -3.10
N LEU A 27 -27.68 -29.65 -3.10
CA LEU A 27 -28.87 -30.41 -3.44
C LEU A 27 -29.98 -30.19 -2.43
N ALA A 28 -29.63 -30.23 -1.13
CA ALA A 28 -30.62 -29.98 -0.09
C ALA A 28 -31.18 -28.56 -0.18
N SER A 29 -30.31 -27.58 -0.41
CA SER A 29 -30.77 -26.21 -0.59
C SER A 29 -31.64 -26.07 -1.83
N TRP A 30 -31.29 -26.80 -2.89
CA TRP A 30 -32.13 -26.80 -4.09
C TRP A 30 -33.51 -27.40 -3.80
N ASN A 31 -33.55 -28.50 -3.05
CA ASN A 31 -34.81 -29.15 -2.76
C ASN A 31 -35.72 -28.27 -1.91
N TYR A 32 -35.13 -27.38 -1.11
CA TYR A 32 -35.94 -26.40 -0.38
C TYR A 32 -36.43 -25.29 -1.30
N ASN A 33 -35.54 -24.76 -2.15
CA ASN A 33 -35.91 -23.66 -3.02
C ASN A 33 -36.97 -24.05 -4.04
N THR A 34 -37.10 -25.34 -4.34
CA THR A 34 -38.12 -25.83 -5.25
C THR A 34 -39.26 -26.53 -4.53
N ASN A 35 -39.22 -26.61 -3.21
CA ASN A 35 -40.26 -27.26 -2.43
C ASN A 35 -40.21 -26.77 -0.98
N ILE A 36 -40.73 -25.57 -0.73
CA ILE A 36 -40.63 -24.95 0.59
C ILE A 36 -41.47 -25.76 1.57
N THR A 37 -40.81 -26.46 2.49
CA THR A 37 -41.43 -27.27 3.52
C THR A 37 -40.52 -27.25 4.73
N ASP A 38 -41.12 -27.24 5.93
CA ASP A 38 -40.34 -27.27 7.16
C ASP A 38 -39.34 -28.42 7.18
N GLU A 39 -39.75 -29.60 6.68
CA GLU A 39 -38.81 -30.72 6.61
C GLU A 39 -37.62 -30.39 5.72
N ASN A 40 -37.87 -29.75 4.58
CA ASN A 40 -36.77 -29.42 3.68
C ASN A 40 -35.89 -28.30 4.24
N ILE A 41 -36.39 -27.51 5.19
CA ILE A 41 -35.53 -26.58 5.89
C ILE A 41 -34.62 -27.32 6.86
N GLN A 42 -35.13 -28.39 7.48
CA GLN A 42 -34.34 -29.16 8.43
C GLN A 42 -33.23 -29.94 7.72
N LYS A 43 -33.59 -30.70 6.68
CA LYS A 43 -32.56 -31.44 5.94
C LYS A 43 -31.56 -30.49 5.30
N MET A 44 -32.00 -29.29 4.92
CA MET A 44 -31.08 -28.28 4.39
C MET A 44 -30.15 -27.78 5.48
N ASN A 45 -30.67 -27.61 6.70
CA ASN A 45 -29.84 -27.10 7.80
C ASN A 45 -28.86 -28.16 8.28
N ILE A 46 -29.21 -29.44 8.18
CA ILE A 46 -28.27 -30.50 8.52
C ILE A 46 -27.12 -30.52 7.51
N ALA A 47 -27.44 -30.36 6.23
CA ALA A 47 -26.40 -30.35 5.20
C ALA A 47 -25.46 -29.18 5.37
N GLY A 48 -25.98 -28.02 5.80
CA GLY A 48 -25.13 -26.88 6.05
C GLY A 48 -24.23 -27.05 7.27
N ALA A 49 -24.69 -27.79 8.28
CA ALA A 49 -23.89 -27.99 9.47
C ALA A 49 -22.69 -28.89 9.19
N LYS A 50 -22.92 -30.05 8.56
CA LYS A 50 -21.82 -30.94 8.23
C LYS A 50 -20.81 -30.26 7.32
N TRP A 51 -21.30 -29.54 6.29
CA TRP A 51 -20.41 -28.87 5.35
C TRP A 51 -19.61 -27.76 6.03
N SER A 52 -20.25 -27.00 6.92
CA SER A 52 -19.54 -25.94 7.62
C SER A 52 -18.56 -26.51 8.65
N ALA A 53 -18.97 -27.58 9.34
CA ALA A 53 -18.07 -28.21 10.30
C ALA A 53 -16.87 -28.84 9.61
N PHE A 54 -17.08 -29.39 8.42
CA PHE A 54 -15.97 -29.95 7.65
C PHE A 54 -15.02 -28.86 7.19
N TYR A 55 -15.55 -27.75 6.69
CA TYR A 55 -14.70 -26.68 6.17
C TYR A 55 -13.87 -26.04 7.28
N GLU A 56 -14.44 -25.92 8.49
CA GLU A 56 -13.68 -25.34 9.60
C GLU A 56 -12.53 -26.25 10.01
N GLU A 57 -12.76 -27.57 10.05
CA GLU A 57 -11.69 -28.50 10.36
C GLU A 57 -10.60 -28.45 9.30
N GLU A 58 -10.99 -28.47 8.03
CA GLU A 58 -10.01 -28.47 6.95
C GLU A 58 -9.27 -27.13 6.86
N SER A 59 -9.94 -26.03 7.15
CA SER A 59 -9.28 -24.73 7.11
C SER A 59 -8.21 -24.62 8.18
N GLN A 60 -8.51 -25.06 9.40
CA GLN A 60 -7.53 -25.04 10.47
C GLN A 60 -6.34 -25.94 10.14
N HIS A 61 -6.60 -27.13 9.60
CA HIS A 61 -5.52 -28.07 9.30
C HIS A 61 -4.64 -27.56 8.16
N ALA A 62 -5.20 -26.71 7.28
CA ALA A 62 -4.40 -26.14 6.21
C ALA A 62 -3.30 -25.23 6.74
N LYS A 63 -3.48 -24.67 7.94
CA LYS A 63 -2.45 -23.83 8.54
C LYS A 63 -1.23 -24.63 8.98
N THR A 64 -1.32 -25.97 8.97
CA THR A 64 -0.14 -26.78 9.28
C THR A 64 0.93 -26.63 8.21
N TYR A 65 0.53 -26.35 6.97
CA TYR A 65 1.46 -26.33 5.85
C TYR A 65 1.86 -24.90 5.55
N PRO A 66 3.09 -24.49 5.87
CA PRO A 66 3.51 -23.10 5.62
C PRO A 66 3.59 -22.82 4.12
N LEU A 67 3.01 -21.70 3.71
CA LEU A 67 3.02 -21.33 2.30
C LEU A 67 4.45 -21.12 1.81
N GLU A 68 5.32 -20.59 2.68
CA GLU A 68 6.68 -20.31 2.27
C GLU A 68 7.41 -21.58 1.83
N GLU A 69 6.99 -22.73 2.34
CA GLU A 69 7.55 -24.01 1.94
C GLU A 69 6.82 -24.64 0.77
N ILE A 70 5.73 -24.04 0.30
CA ILE A 70 5.02 -24.50 -0.89
C ILE A 70 5.51 -23.68 -2.08
N GLN A 71 5.93 -24.37 -3.14
CA GLN A 71 6.49 -23.72 -4.32
C GLN A 71 5.55 -23.74 -5.51
N ASP A 72 4.84 -24.84 -5.73
CA ASP A 72 3.92 -24.92 -6.86
C ASP A 72 2.82 -23.87 -6.70
N PRO A 73 2.53 -23.10 -7.75
CA PRO A 73 1.53 -22.02 -7.60
C PRO A 73 0.11 -22.52 -7.39
N ILE A 74 -0.28 -23.59 -8.08
CA ILE A 74 -1.64 -24.09 -7.94
C ILE A 74 -1.89 -24.64 -6.54
N ILE A 75 -0.92 -25.38 -6.00
CA ILE A 75 -1.02 -25.84 -4.62
C ILE A 75 -0.99 -24.64 -3.67
N LYS A 76 -0.23 -23.60 -4.02
CA LYS A 76 -0.15 -22.43 -3.16
C LYS A 76 -1.46 -21.64 -3.16
N ARG A 77 -2.10 -21.51 -4.32
CA ARG A 77 -3.38 -20.80 -4.39
C ARG A 77 -4.44 -21.52 -3.58
N GLN A 78 -4.56 -22.84 -3.74
CA GLN A 78 -5.57 -23.59 -3.01
C GLN A 78 -5.33 -23.51 -1.51
N LEU A 79 -4.06 -23.59 -1.08
CA LEU A 79 -3.76 -23.55 0.34
C LEU A 79 -4.11 -22.19 0.93
N ARG A 80 -3.75 -21.11 0.23
CA ARG A 80 -4.02 -19.79 0.76
C ARG A 80 -5.51 -19.55 0.95
N ALA A 81 -6.32 -19.97 -0.03
CA ALA A 81 -7.76 -19.81 0.08
C ALA A 81 -8.31 -20.62 1.25
N LEU A 82 -7.67 -21.73 1.58
CA LEU A 82 -8.15 -22.58 2.65
C LEU A 82 -7.65 -22.11 4.01
N GLN A 83 -6.45 -21.51 4.06
CA GLN A 83 -5.94 -20.99 5.33
C GLN A 83 -6.67 -19.73 5.78
N GLN A 84 -7.30 -19.00 4.86
CA GLN A 84 -8.02 -17.79 5.22
C GLN A 84 -9.18 -18.11 6.16
N SER A 85 -9.14 -17.54 7.36
CA SER A 85 -10.13 -17.78 8.39
C SER A 85 -11.05 -16.57 8.55
N GLY A 86 -12.13 -16.78 9.30
CA GLY A 86 -13.05 -15.70 9.60
C GLY A 86 -13.26 -15.47 11.07
N SER A 87 -14.50 -15.65 11.54
CA SER A 87 -14.86 -15.37 12.93
C SER A 87 -14.30 -16.39 13.92
N SER A 88 -13.77 -17.52 13.44
CA SER A 88 -13.27 -18.54 14.35
C SER A 88 -12.08 -18.07 15.17
N VAL A 89 -11.37 -17.03 14.72
CA VAL A 89 -10.16 -16.57 15.41
C VAL A 89 -10.46 -15.78 16.67
N LEU A 90 -11.70 -15.37 16.88
CA LEU A 90 -12.08 -14.63 18.08
C LEU A 90 -12.30 -15.58 19.25
N SER A 91 -12.13 -15.04 20.46
CA SER A 91 -12.46 -15.79 21.66
C SER A 91 -13.96 -16.07 21.69
N ALA A 92 -14.34 -17.11 22.46
CA ALA A 92 -15.70 -17.65 22.38
C ALA A 92 -16.76 -16.62 22.72
N ASP A 93 -16.48 -15.71 23.66
CA ASP A 93 -17.48 -14.72 24.05
C ASP A 93 -17.67 -13.66 22.97
N LYS A 94 -16.56 -13.15 22.43
CA LYS A 94 -16.65 -12.17 21.34
C LYS A 94 -17.26 -12.81 20.10
N ARG A 95 -16.94 -14.08 19.86
CA ARG A 95 -17.51 -14.80 18.73
C ARG A 95 -19.03 -14.98 18.88
N GLU A 96 -19.47 -15.33 20.09
CA GLU A 96 -20.91 -15.45 20.35
C GLU A 96 -21.60 -14.10 20.20
N ARG A 97 -20.98 -13.04 20.73
CA ARG A 97 -21.60 -11.71 20.69
C ARG A 97 -21.75 -11.23 19.25
N LEU A 98 -20.74 -11.45 18.42
CA LEU A 98 -20.81 -11.03 17.03
C LEU A 98 -21.92 -11.75 16.27
N ASN A 99 -22.06 -13.06 16.51
CA ASN A 99 -23.14 -13.81 15.89
C ASN A 99 -24.50 -13.32 16.38
N THR A 100 -24.59 -12.94 17.66
CA THR A 100 -25.83 -12.41 18.19
C THR A 100 -26.17 -11.07 17.55
N ILE A 101 -25.17 -10.24 17.30
CA ILE A 101 -25.42 -8.94 16.68
C ILE A 101 -25.79 -9.11 15.21
N LEU A 102 -25.14 -10.04 14.51
CA LEU A 102 -25.48 -10.29 13.11
C LEU A 102 -26.92 -10.75 12.96
N ASN A 103 -27.36 -11.71 13.79
CA ASN A 103 -28.73 -12.16 13.74
C ASN A 103 -29.69 -11.03 14.07
N ALA A 104 -29.34 -10.19 15.05
CA ALA A 104 -30.23 -9.11 15.47
C ALA A 104 -30.43 -8.09 14.36
N MET A 105 -29.33 -7.63 13.76
CA MET A 105 -29.43 -6.64 12.68
C MET A 105 -30.22 -7.19 11.49
N SER A 106 -30.07 -8.48 11.20
CA SER A 106 -30.76 -9.06 10.06
C SER A 106 -32.26 -9.17 10.30
N THR A 107 -32.66 -9.58 11.51
CA THR A 107 -34.09 -9.70 11.82
C THR A 107 -34.75 -8.33 11.95
N ILE A 108 -34.03 -7.33 12.43
CA ILE A 108 -34.58 -5.98 12.50
C ILE A 108 -34.83 -5.45 11.10
N TYR A 109 -33.92 -5.73 10.16
CA TYR A 109 -34.09 -5.25 8.80
C TYR A 109 -35.23 -5.96 8.09
N SER A 110 -35.49 -7.23 8.41
CA SER A 110 -36.50 -8.00 7.71
C SER A 110 -37.86 -7.98 8.41
N THR A 111 -37.93 -7.50 9.65
CA THR A 111 -39.20 -7.42 10.37
C THR A 111 -39.53 -6.02 10.87
N GLY A 112 -38.62 -5.07 10.75
CA GLY A 112 -38.90 -3.72 11.21
C GLY A 112 -39.95 -3.04 10.34
N LYS A 113 -40.75 -2.19 10.99
CA LYS A 113 -41.85 -1.51 10.33
C LYS A 113 -41.78 -0.01 10.60
N ALA A 114 -42.22 0.77 9.63
CA ALA A 114 -42.44 2.20 9.79
C ALA A 114 -43.93 2.50 9.63
N CYS A 115 -44.45 3.33 10.53
CA CYS A 115 -45.88 3.59 10.60
C CYS A 115 -46.22 4.93 9.95
N ASN A 116 -47.32 4.95 9.22
CA ASN A 116 -47.81 6.17 8.57
C ASN A 116 -48.14 7.21 9.63
N PRO A 117 -47.52 8.40 9.59
CA PRO A 117 -47.85 9.43 10.58
C PRO A 117 -49.29 9.90 10.52
N ASN A 118 -49.93 9.82 9.36
CA ASN A 118 -51.33 10.22 9.24
C ASN A 118 -52.30 9.10 9.60
N ASN A 119 -51.92 7.85 9.36
CA ASN A 119 -52.74 6.69 9.70
C ASN A 119 -51.89 5.77 10.56
N PRO A 120 -51.88 5.98 11.89
CA PRO A 120 -50.97 5.23 12.76
C PRO A 120 -51.24 3.72 12.83
N GLN A 121 -52.35 3.23 12.29
CA GLN A 121 -52.53 1.78 12.24
C GLN A 121 -51.74 1.16 11.09
N GLU A 122 -51.55 1.90 10.01
CA GLU A 122 -50.81 1.39 8.86
C GLU A 122 -49.32 1.44 9.18
N CYS A 123 -48.75 0.28 9.48
CA CYS A 123 -47.31 0.13 9.66
C CYS A 123 -46.83 -0.92 8.66
N LEU A 124 -45.86 -0.54 7.84
CA LEU A 124 -45.48 -1.34 6.67
C LEU A 124 -44.07 -1.88 6.81
N LEU A 125 -43.90 -3.14 6.43
CA LEU A 125 -42.57 -3.70 6.22
C LEU A 125 -41.92 -3.03 5.02
N LEU A 126 -40.60 -3.21 4.91
CA LEU A 126 -39.87 -2.65 3.78
C LEU A 126 -40.21 -3.38 2.49
N GLU A 127 -39.99 -4.68 2.46
CA GLU A 127 -40.04 -5.41 1.19
C GLU A 127 -41.40 -5.35 0.50
N PRO A 128 -42.54 -5.52 1.18
CA PRO A 128 -43.82 -5.26 0.50
C PRO A 128 -44.17 -3.78 0.46
N GLY A 129 -44.47 -3.21 1.63
CA GLY A 129 -45.12 -1.91 1.69
C GLY A 129 -44.27 -0.69 1.43
N LEU A 130 -43.11 -0.59 2.10
CA LEU A 130 -42.31 0.63 1.97
C LEU A 130 -41.63 0.71 0.60
N ASP A 131 -41.21 -0.44 0.06
CA ASP A 131 -40.66 -0.44 -1.30
C ASP A 131 -41.70 0.04 -2.32
N ASP A 132 -42.95 -0.38 -2.15
CA ASP A 132 -44.00 0.04 -3.08
C ASP A 132 -44.13 1.57 -3.12
N ILE A 133 -44.07 2.22 -1.96
CA ILE A 133 -44.12 3.67 -1.93
C ILE A 133 -42.90 4.26 -2.62
N MET A 134 -41.71 3.80 -2.24
CA MET A 134 -40.48 4.40 -2.73
C MET A 134 -40.19 4.07 -4.19
N GLU A 135 -40.89 3.10 -4.77
CA GLU A 135 -40.65 2.73 -6.16
C GLU A 135 -41.72 3.19 -7.14
N ASN A 136 -42.91 3.55 -6.65
CA ASN A 136 -44.01 3.92 -7.54
C ASN A 136 -44.67 5.26 -7.21
N SER A 137 -44.54 5.76 -5.99
CA SER A 137 -45.24 6.98 -5.62
C SER A 137 -44.60 8.20 -6.29
N LYS A 138 -45.45 9.16 -6.64
CA LYS A 138 -45.00 10.44 -7.19
C LYS A 138 -45.37 11.61 -6.28
N ASP A 139 -45.72 11.32 -5.03
CA ASP A 139 -46.10 12.33 -4.06
C ASP A 139 -44.93 12.63 -3.13
N TYR A 140 -44.57 13.91 -3.01
CA TYR A 140 -43.39 14.30 -2.24
C TYR A 140 -43.52 13.89 -0.78
N ASN A 141 -44.68 14.11 -0.17
CA ASN A 141 -44.84 13.88 1.26
C ASN A 141 -45.02 12.40 1.60
N GLU A 142 -45.60 11.61 0.70
CA GLU A 142 -45.74 10.19 0.97
C GLU A 142 -44.39 9.48 0.92
N ARG A 143 -43.58 9.81 -0.09
CA ARG A 143 -42.22 9.28 -0.16
C ARG A 143 -41.38 9.74 1.03
N LEU A 144 -41.72 10.90 1.61
CA LEU A 144 -40.90 11.45 2.68
C LEU A 144 -41.06 10.66 3.98
N TRP A 145 -42.29 10.37 4.37
CA TRP A 145 -42.49 9.66 5.63
C TRP A 145 -42.04 8.21 5.52
N ALA A 146 -42.10 7.62 4.33
CA ALA A 146 -41.54 6.28 4.14
C ALA A 146 -40.02 6.30 4.23
N TRP A 147 -39.38 7.28 3.59
CA TRP A 147 -37.94 7.41 3.66
C TRP A 147 -37.48 7.74 5.07
N GLU A 148 -38.13 8.72 5.70
CA GLU A 148 -37.73 9.12 7.05
C GLU A 148 -38.11 8.07 8.09
N GLY A 149 -39.33 7.53 8.00
CA GLY A 149 -39.77 6.57 8.99
C GLY A 149 -38.94 5.28 8.99
N TRP A 150 -38.51 4.85 7.80
CA TRP A 150 -37.67 3.65 7.72
C TRP A 150 -36.34 3.84 8.44
N ARG A 151 -35.79 5.06 8.40
CA ARG A 151 -34.52 5.32 9.05
C ARG A 151 -34.65 5.71 10.52
N SER A 152 -35.75 6.38 10.89
CA SER A 152 -35.93 6.78 12.28
C SER A 152 -36.37 5.62 13.16
N GLU A 153 -37.20 4.72 12.63
CA GLU A 153 -37.73 3.62 13.42
C GLU A 153 -36.88 2.36 13.34
N VAL A 154 -36.38 2.02 12.16
CA VAL A 154 -35.54 0.83 12.00
C VAL A 154 -34.06 1.19 12.07
N GLY A 155 -33.65 2.24 11.36
CA GLY A 155 -32.23 2.60 11.33
C GLY A 155 -31.65 2.96 12.69
N LYS A 156 -32.46 3.58 13.55
CA LYS A 156 -31.97 3.95 14.88
C LYS A 156 -31.79 2.73 15.77
N GLN A 157 -32.60 1.69 15.57
CA GLN A 157 -32.39 0.43 16.29
C GLN A 157 -31.05 -0.19 15.91
N LEU A 158 -30.62 -0.02 14.66
CA LEU A 158 -29.39 -0.64 14.18
C LEU A 158 -28.13 0.11 14.60
N ARG A 159 -28.26 1.39 14.98
CA ARG A 159 -27.08 2.19 15.30
C ARG A 159 -26.22 1.59 16.41
N PRO A 160 -26.74 1.22 17.58
CA PRO A 160 -25.86 0.63 18.60
C PRO A 160 -25.34 -0.73 18.21
N LEU A 161 -26.12 -1.52 17.45
CA LEU A 161 -25.64 -2.82 17.01
C LEU A 161 -24.51 -2.69 16.00
N TYR A 162 -24.58 -1.66 15.14
CA TYR A 162 -23.53 -1.49 14.13
C TYR A 162 -22.22 -1.00 14.73
N GLU A 163 -22.30 -0.21 15.81
CA GLU A 163 -21.08 0.26 16.46
C GLU A 163 -20.29 -0.90 17.06
N GLU A 164 -20.98 -1.82 17.73
CA GLU A 164 -20.32 -3.02 18.23
C GLU A 164 -19.91 -3.94 17.08
N TYR A 165 -20.68 -3.92 16.00
CA TYR A 165 -20.33 -4.70 14.81
C TYR A 165 -18.97 -4.29 14.25
N VAL A 166 -18.72 -2.98 14.16
CA VAL A 166 -17.45 -2.50 13.60
C VAL A 166 -16.29 -2.90 14.49
N ALA A 167 -16.45 -2.78 15.81
CA ALA A 167 -15.34 -3.09 16.71
C ALA A 167 -15.03 -4.59 16.72
N LEU A 168 -16.06 -5.44 16.72
CA LEU A 168 -15.83 -6.88 16.71
C LEU A 168 -15.26 -7.34 15.37
N LYS A 169 -15.78 -6.80 14.27
CA LYS A 169 -15.28 -7.18 12.94
C LYS A 169 -13.85 -6.70 12.74
N ASN A 170 -13.52 -5.51 13.25
CA ASN A 170 -12.15 -5.01 13.12
C ASN A 170 -11.18 -5.90 13.91
N GLU A 171 -11.60 -6.38 15.08
CA GLU A 171 -10.76 -7.29 15.84
C GLU A 171 -10.58 -8.62 15.12
N MET A 172 -11.65 -9.14 14.51
CA MET A 172 -11.56 -10.36 13.73
C MET A 172 -10.55 -10.22 12.59
N ALA A 173 -10.59 -9.09 11.88
CA ALA A 173 -9.70 -8.92 10.73
C ALA A 173 -8.26 -8.77 11.17
N ARG A 174 -8.01 -8.08 12.27
CA ARG A 174 -6.66 -7.87 12.76
C ARG A 174 -6.05 -9.17 13.27
N ALA A 175 -6.84 -10.00 13.94
CA ALA A 175 -6.37 -11.33 14.33
C ALA A 175 -6.07 -12.21 13.12
N ASN A 176 -6.60 -11.84 11.95
CA ASN A 176 -6.24 -12.49 10.69
C ASN A 176 -5.14 -11.74 9.96
N ASN A 177 -4.47 -10.81 10.63
CA ASN A 177 -3.30 -10.09 10.12
C ASN A 177 -3.68 -9.07 9.04
N TYR A 178 -4.89 -8.54 9.08
CA TYR A 178 -5.31 -7.43 8.25
C TYR A 178 -5.35 -6.14 9.08
N GLU A 179 -5.38 -5.01 8.39
CA GLU A 179 -5.42 -3.73 9.09
C GLU A 179 -6.76 -3.52 9.78
N ASP A 180 -7.85 -3.87 9.11
CA ASP A 180 -9.21 -3.66 9.62
C ASP A 180 -10.16 -4.45 8.71
N TYR A 181 -11.44 -4.40 9.05
CA TYR A 181 -12.43 -5.17 8.30
C TYR A 181 -12.53 -4.69 6.85
N GLY A 182 -12.20 -3.43 6.58
CA GLY A 182 -12.17 -2.95 5.21
C GLY A 182 -10.99 -3.52 4.44
N ASP A 183 -9.81 -3.54 5.05
CA ASP A 183 -8.66 -4.20 4.43
C ASP A 183 -8.93 -5.70 4.26
N TYR A 184 -9.72 -6.28 5.16
CA TYR A 184 -10.09 -7.69 5.04
C TYR A 184 -10.93 -7.93 3.79
N TRP A 185 -11.92 -7.07 3.54
CA TRP A 185 -12.78 -7.24 2.37
C TRP A 185 -12.02 -7.00 1.08
N ARG A 186 -11.13 -6.01 1.06
CA ARG A 186 -10.34 -5.75 -0.14
C ARG A 186 -9.37 -6.88 -0.47
N GLY A 187 -9.14 -7.80 0.46
CA GLY A 187 -8.38 -9.00 0.16
C GLY A 187 -9.03 -9.89 -0.87
N ASP A 188 -10.34 -9.72 -1.11
CA ASP A 188 -11.03 -10.47 -2.15
C ASP A 188 -10.47 -10.17 -3.54
N TYR A 189 -9.76 -9.06 -3.71
CA TYR A 189 -9.13 -8.72 -4.98
C TYR A 189 -7.63 -8.95 -4.94
N GLU A 190 -7.08 -9.35 -3.80
CA GLU A 190 -5.64 -9.56 -3.69
C GLU A 190 -5.21 -10.78 -4.50
N GLU A 191 -4.13 -10.61 -5.26
CA GLU A 191 -3.50 -11.69 -6.02
C GLU A 191 -2.05 -11.66 -5.58
N GLU A 192 -1.53 -12.79 -5.11
CA GLU A 192 -0.30 -12.60 -4.35
C GLU A 192 1.01 -12.72 -5.15
N TRP A 193 1.15 -13.71 -6.03
CA TRP A 193 2.42 -13.82 -6.74
C TRP A 193 2.18 -14.17 -8.20
N ALA A 194 3.07 -13.66 -9.05
CA ALA A 194 2.90 -13.72 -10.50
C ALA A 194 3.98 -12.90 -11.21
N ASP A 195 3.81 -12.74 -12.53
CA ASP A 195 4.74 -12.06 -13.43
C ASP A 195 4.28 -10.62 -13.67
N GLY A 196 4.02 -9.92 -12.58
CA GLY A 196 3.42 -8.61 -12.66
C GLY A 196 1.91 -8.66 -12.65
N TYR A 197 1.33 -9.84 -12.46
CA TYR A 197 -0.10 -10.00 -12.33
C TYR A 197 -0.53 -9.89 -10.87
N ASN A 198 0.39 -9.50 -9.99
CA ASN A 198 0.07 -9.28 -8.59
C ASN A 198 -0.88 -8.11 -8.44
N TYR A 199 -1.59 -8.08 -7.31
CA TYR A 199 -2.56 -7.02 -7.05
C TYR A 199 -2.66 -6.83 -5.54
N SER A 200 -2.17 -5.70 -5.05
CA SER A 200 -2.25 -5.39 -3.63
C SER A 200 -3.66 -4.97 -3.25
N ARG A 201 -3.98 -5.15 -1.97
CA ARG A 201 -5.29 -4.70 -1.47
C ARG A 201 -5.42 -3.19 -1.59
N ASN A 202 -4.32 -2.45 -1.36
CA ASN A 202 -4.33 -1.00 -1.54
C ASN A 202 -4.55 -0.59 -3.00
N GLN A 203 -4.20 -1.45 -3.95
CA GLN A 203 -4.36 -1.10 -5.35
C GLN A 203 -5.83 -0.96 -5.74
N LEU A 204 -6.71 -1.72 -5.08
CA LEU A 204 -8.14 -1.60 -5.36
C LEU A 204 -8.65 -0.19 -5.03
N ILE A 205 -8.13 0.41 -3.96
CA ILE A 205 -8.54 1.77 -3.60
C ILE A 205 -8.19 2.75 -4.71
N GLU A 206 -6.97 2.67 -5.25
CA GLU A 206 -6.55 3.62 -6.27
C GLU A 206 -7.33 3.41 -7.57
N ASP A 207 -7.48 2.15 -8.00
CA ASP A 207 -8.18 1.89 -9.24
C ASP A 207 -9.64 2.33 -9.15
N VAL A 208 -10.25 2.18 -7.98
CA VAL A 208 -11.63 2.65 -7.80
C VAL A 208 -11.67 4.18 -7.82
N GLU A 209 -10.72 4.83 -7.13
CA GLU A 209 -10.67 6.29 -7.15
C GLU A 209 -10.36 6.81 -8.54
N HIS A 210 -9.46 6.15 -9.27
CA HIS A 210 -9.05 6.65 -10.58
C HIS A 210 -10.16 6.48 -11.60
N THR A 211 -10.78 5.29 -11.64
CA THR A 211 -11.87 5.07 -12.58
C THR A 211 -13.06 5.97 -12.28
N PHE A 212 -13.26 6.33 -11.00
CA PHE A 212 -14.42 7.15 -10.65
C PHE A 212 -14.28 8.58 -11.15
N THR A 213 -13.07 9.15 -11.05
CA THR A 213 -12.86 10.52 -11.53
C THR A 213 -13.17 10.65 -13.01
N GLN A 214 -13.04 9.57 -13.77
CA GLN A 214 -13.40 9.58 -15.18
C GLN A 214 -14.90 9.42 -15.39
N ILE A 215 -15.62 8.86 -14.41
CA ILE A 215 -17.07 8.72 -14.52
C ILE A 215 -17.78 10.04 -14.25
N LYS A 216 -17.19 10.91 -13.43
CA LYS A 216 -17.87 12.10 -12.95
C LYS A 216 -18.44 13.00 -14.05
N PRO A 217 -17.75 13.26 -15.18
CA PRO A 217 -18.38 14.10 -16.21
C PRO A 217 -19.69 13.54 -16.72
N LEU A 218 -19.74 12.24 -17.02
CA LEU A 218 -20.98 11.64 -17.52
C LEU A 218 -22.07 11.66 -16.45
N TYR A 219 -21.70 11.36 -15.20
CA TYR A 219 -22.69 11.31 -14.13
C TYR A 219 -23.30 12.69 -13.87
N GLU A 220 -22.47 13.73 -13.89
CA GLU A 220 -22.97 15.07 -13.61
C GLU A 220 -23.98 15.51 -14.65
N HIS A 221 -23.76 15.15 -15.92
CA HIS A 221 -24.73 15.50 -16.95
C HIS A 221 -25.99 14.66 -16.84
N LEU A 222 -25.85 13.38 -16.46
CA LEU A 222 -27.03 12.60 -16.11
C LEU A 222 -27.72 13.19 -14.90
N HIS A 223 -26.95 13.62 -13.89
CA HIS A 223 -27.53 14.27 -12.72
C HIS A 223 -28.25 15.56 -13.10
N ALA A 224 -27.64 16.35 -13.99
CA ALA A 224 -28.24 17.63 -14.38
C ALA A 224 -29.55 17.42 -15.14
N TYR A 225 -29.60 16.41 -16.00
CA TYR A 225 -30.84 16.13 -16.74
C TYR A 225 -31.93 15.62 -15.82
N VAL A 226 -31.58 14.73 -14.88
CA VAL A 226 -32.57 14.22 -13.94
C VAL A 226 -33.11 15.34 -13.06
N ARG A 227 -32.23 16.26 -12.64
CA ARG A 227 -32.65 17.36 -11.76
C ARG A 227 -33.68 18.24 -12.45
N ALA A 228 -33.42 18.62 -13.70
CA ALA A 228 -34.36 19.49 -14.42
C ALA A 228 -35.71 18.81 -14.63
N LYS A 229 -35.72 17.49 -14.80
CA LYS A 229 -36.97 16.77 -14.98
C LYS A 229 -37.69 16.54 -13.66
N LEU A 230 -36.94 16.43 -12.56
CA LEU A 230 -37.57 16.29 -11.25
C LEU A 230 -38.12 17.61 -10.72
N MET A 231 -37.58 18.75 -11.18
CA MET A 231 -38.19 20.03 -10.81
C MET A 231 -39.59 20.17 -11.37
N ASP A 232 -39.83 19.60 -12.56
CA ASP A 232 -41.19 19.61 -13.12
C ASP A 232 -42.10 18.65 -12.37
N ALA A 233 -41.57 17.47 -12.00
CA ALA A 233 -42.38 16.50 -11.29
C ALA A 233 -42.70 16.94 -9.87
N TYR A 234 -41.83 17.73 -9.27
CA TYR A 234 -42.00 18.24 -7.90
C TYR A 234 -41.74 19.74 -7.91
N PRO A 235 -42.71 20.54 -8.35
CA PRO A 235 -42.49 21.99 -8.44
C PRO A 235 -42.22 22.60 -7.08
N SER A 236 -41.30 23.56 -7.06
CA SER A 236 -40.92 24.32 -5.87
C SER A 236 -40.24 23.46 -4.81
N ARG A 237 -39.86 22.23 -5.14
CA ARG A 237 -39.26 21.32 -4.17
C ARG A 237 -37.78 21.08 -4.36
N ILE A 238 -37.24 21.35 -5.55
CA ILE A 238 -35.86 21.02 -5.88
C ILE A 238 -35.17 22.26 -6.43
N SER A 239 -33.96 22.53 -5.93
CA SER A 239 -33.16 23.67 -6.35
C SER A 239 -32.44 23.35 -7.65
N PRO A 240 -32.43 24.28 -8.61
CA PRO A 240 -31.82 23.99 -9.92
C PRO A 240 -30.31 23.83 -9.88
N THR A 241 -29.65 24.27 -8.80
CA THR A 241 -28.21 24.12 -8.67
C THR A 241 -27.80 23.24 -7.50
N GLY A 242 -28.75 22.68 -6.76
CA GLY A 242 -28.46 21.92 -5.56
C GLY A 242 -28.48 20.42 -5.80
N CYS A 243 -28.46 19.69 -4.70
CA CYS A 243 -28.46 18.23 -4.73
C CYS A 243 -29.89 17.70 -4.82
N LEU A 244 -29.99 16.44 -5.24
CA LEU A 244 -31.29 15.79 -5.37
C LEU A 244 -31.75 15.29 -4.01
N PRO A 245 -33.00 15.58 -3.61
CA PRO A 245 -33.50 15.03 -2.33
C PRO A 245 -33.48 13.51 -2.36
N ALA A 246 -33.02 12.93 -1.24
CA ALA A 246 -32.76 11.49 -1.18
C ALA A 246 -34.02 10.65 -1.32
N HIS A 247 -35.19 11.21 -1.00
CA HIS A 247 -36.43 10.42 -0.99
C HIS A 247 -37.16 10.47 -2.33
N LEU A 248 -36.54 11.00 -3.39
CA LEU A 248 -37.21 11.17 -4.67
C LEU A 248 -36.46 10.47 -5.80
N LEU A 249 -35.75 9.39 -5.51
CA LEU A 249 -34.80 8.82 -6.45
C LEU A 249 -35.23 7.48 -7.03
N GLY A 250 -36.40 6.95 -6.67
CA GLY A 250 -36.91 5.75 -7.28
C GLY A 250 -36.83 4.50 -6.42
N ASP A 251 -36.12 4.54 -5.30
CA ASP A 251 -36.11 3.44 -4.35
C ASP A 251 -35.95 4.02 -2.95
N MET A 252 -35.78 3.12 -1.97
CA MET A 252 -35.62 3.54 -0.59
C MET A 252 -34.31 4.31 -0.36
N TRP A 253 -33.31 4.14 -1.23
CA TRP A 253 -31.98 4.67 -0.97
C TRP A 253 -31.39 5.52 -2.09
N GLY A 254 -31.94 5.49 -3.29
CA GLY A 254 -31.23 6.05 -4.44
C GLY A 254 -30.21 5.13 -5.04
N ARG A 255 -30.32 3.81 -4.79
CA ARG A 255 -29.35 2.87 -5.34
C ARG A 255 -29.43 2.80 -6.85
N PHE A 256 -30.64 2.74 -7.40
CA PHE A 256 -30.86 2.82 -8.83
C PHE A 256 -31.86 3.93 -9.12
N TRP A 257 -31.69 4.57 -10.27
CA TRP A 257 -32.61 5.61 -10.72
C TRP A 257 -33.56 5.09 -11.80
N THR A 258 -33.66 3.77 -11.96
CA THR A 258 -34.45 3.18 -13.03
C THR A 258 -35.90 3.63 -12.97
N ASN A 259 -36.49 3.69 -11.78
CA ASN A 259 -37.90 3.99 -11.63
C ASN A 259 -38.22 5.47 -11.82
N LEU A 260 -37.23 6.30 -12.12
CA LEU A 260 -37.46 7.69 -12.51
C LEU A 260 -37.70 7.85 -14.00
N TYR A 261 -37.50 6.78 -14.79
CA TYR A 261 -37.60 6.89 -16.25
C TYR A 261 -38.93 7.45 -16.74
N PRO A 262 -40.10 7.04 -16.25
CA PRO A 262 -41.35 7.61 -16.78
C PRO A 262 -41.47 9.11 -16.56
N LEU A 263 -40.70 9.70 -15.65
CA LEU A 263 -40.75 11.13 -15.41
C LEU A 263 -39.83 11.93 -16.32
N MET A 264 -39.03 11.26 -17.16
CA MET A 264 -37.98 11.94 -17.91
C MET A 264 -37.69 11.23 -19.22
N VAL A 265 -38.74 10.75 -19.88
CA VAL A 265 -38.55 10.05 -21.16
C VAL A 265 -38.07 11.06 -22.20
N PRO A 266 -36.91 10.83 -22.82
CA PRO A 266 -36.41 11.83 -23.78
C PRO A 266 -37.32 12.06 -24.98
N PHE A 267 -37.95 11.00 -25.50
CA PHE A 267 -38.85 11.09 -26.64
C PHE A 267 -40.06 10.22 -26.31
N GLY A 268 -41.07 10.82 -25.67
CA GLY A 268 -42.22 10.10 -25.18
C GLY A 268 -43.11 9.51 -26.26
N GLN A 269 -42.98 9.95 -27.50
CA GLN A 269 -43.80 9.40 -28.56
C GLN A 269 -43.27 8.09 -29.13
N LYS A 270 -42.02 7.74 -28.82
CA LYS A 270 -41.42 6.53 -29.36
C LYS A 270 -41.42 5.45 -28.28
N PRO A 271 -42.24 4.41 -28.42
CA PRO A 271 -42.20 3.32 -27.43
C PRO A 271 -40.96 2.46 -27.60
N ASN A 272 -40.41 1.99 -26.48
CA ASN A 272 -39.26 1.10 -26.55
C ASN A 272 -39.63 -0.23 -27.17
N ILE A 273 -38.61 -0.89 -27.71
CA ILE A 273 -38.77 -2.19 -28.36
C ILE A 273 -39.14 -3.23 -27.32
N ASP A 274 -40.25 -3.91 -27.54
CA ASP A 274 -40.76 -4.91 -26.60
C ASP A 274 -41.34 -6.05 -27.42
N VAL A 275 -40.66 -7.19 -27.41
CA VAL A 275 -40.98 -8.30 -28.28
C VAL A 275 -41.89 -9.32 -27.57
N THR A 276 -42.57 -8.91 -26.51
CA THR A 276 -43.47 -9.83 -25.81
C THR A 276 -44.59 -10.30 -26.74
N ASP A 277 -45.22 -9.35 -27.45
CA ASP A 277 -46.35 -9.70 -28.29
C ASP A 277 -45.92 -10.63 -29.43
N ALA A 278 -44.73 -10.41 -29.98
CA ALA A 278 -44.23 -11.32 -31.01
C ALA A 278 -43.97 -12.71 -30.45
N MET A 279 -43.53 -12.78 -29.19
CA MET A 279 -43.35 -14.07 -28.54
C MET A 279 -44.69 -14.79 -28.38
N VAL A 280 -45.71 -14.08 -27.91
CA VAL A 280 -47.02 -14.69 -27.72
C VAL A 280 -47.66 -15.01 -29.07
N ASN A 281 -47.51 -14.11 -30.05
CA ASN A 281 -48.10 -14.34 -31.36
C ASN A 281 -47.47 -15.52 -32.07
N GLN A 282 -46.21 -15.82 -31.77
CA GLN A 282 -45.54 -16.99 -32.32
C GLN A 282 -45.66 -18.21 -31.41
N SER A 283 -46.51 -18.13 -30.37
CA SER A 283 -46.80 -19.25 -29.47
C SER A 283 -45.52 -19.75 -28.78
N TRP A 284 -44.72 -18.83 -28.28
CA TRP A 284 -43.56 -19.19 -27.48
C TRP A 284 -44.00 -19.64 -26.08
N ASP A 285 -43.20 -20.52 -25.49
CA ASP A 285 -43.35 -20.91 -24.09
C ASP A 285 -41.97 -20.89 -23.44
N ALA A 286 -41.94 -21.18 -22.13
CA ALA A 286 -40.69 -21.07 -21.37
C ALA A 286 -39.60 -21.99 -21.93
N ARG A 287 -39.98 -23.17 -22.41
CA ARG A 287 -39.00 -24.07 -23.00
C ARG A 287 -38.37 -23.48 -24.26
N ARG A 288 -39.19 -22.84 -25.09
CA ARG A 288 -38.66 -22.18 -26.28
C ARG A 288 -37.68 -21.08 -25.92
N ILE A 289 -37.95 -20.35 -24.83
CA ILE A 289 -37.07 -19.26 -24.42
C ILE A 289 -35.68 -19.79 -24.09
N PHE A 290 -35.60 -20.91 -23.35
CA PHE A 290 -34.30 -21.45 -22.99
C PHE A 290 -33.65 -22.21 -24.14
N LYS A 291 -34.46 -22.79 -25.04
CA LYS A 291 -33.88 -23.35 -26.26
C LYS A 291 -33.28 -22.27 -27.14
N GLU A 292 -33.90 -21.09 -27.17
CA GLU A 292 -33.34 -19.98 -27.94
C GLU A 292 -32.09 -19.43 -27.28
N ALA A 293 -32.11 -19.33 -25.94
CA ALA A 293 -30.89 -18.94 -25.22
C ALA A 293 -29.79 -19.96 -25.45
N GLU A 294 -30.13 -21.24 -25.46
CA GLU A 294 -29.14 -22.28 -25.76
C GLU A 294 -28.60 -22.13 -27.18
N LYS A 295 -29.49 -21.82 -28.14
CA LYS A 295 -29.05 -21.60 -29.51
C LYS A 295 -28.07 -20.44 -29.60
N PHE A 296 -28.28 -19.40 -28.79
CA PHE A 296 -27.39 -18.24 -28.83
C PHE A 296 -25.97 -18.62 -28.46
N PHE A 297 -25.81 -19.40 -27.37
CA PHE A 297 -24.47 -19.79 -26.94
C PHE A 297 -23.83 -20.77 -27.92
N VAL A 298 -24.64 -21.58 -28.60
CA VAL A 298 -24.10 -22.47 -29.62
C VAL A 298 -23.60 -21.66 -30.81
N SER A 299 -24.30 -20.56 -31.14
CA SER A 299 -23.88 -19.71 -32.25
C SER A 299 -22.49 -19.11 -32.03
N VAL A 300 -22.07 -18.94 -30.77
CA VAL A 300 -20.78 -18.33 -30.48
C VAL A 300 -19.71 -19.38 -30.19
N GLY A 301 -20.02 -20.66 -30.37
CA GLY A 301 -19.03 -21.71 -30.20
C GLY A 301 -19.05 -22.42 -28.87
N LEU A 302 -20.00 -22.10 -28.01
CA LEU A 302 -20.10 -22.76 -26.71
C LEU A 302 -20.99 -23.98 -26.81
N PRO A 303 -20.86 -24.93 -25.88
CA PRO A 303 -21.63 -26.17 -25.99
C PRO A 303 -23.10 -25.97 -25.65
N ASN A 304 -23.88 -27.02 -25.94
CA ASN A 304 -25.27 -27.06 -25.52
C ASN A 304 -25.35 -27.23 -24.01
N MET A 305 -26.55 -27.06 -23.47
CA MET A 305 -26.77 -27.44 -22.09
C MET A 305 -26.68 -28.96 -21.95
N THR A 306 -26.30 -29.41 -20.77
CA THR A 306 -26.22 -30.85 -20.54
C THR A 306 -27.62 -31.44 -20.50
N GLU A 307 -27.69 -32.77 -20.59
CA GLU A 307 -28.97 -33.43 -20.41
C GLU A 307 -29.50 -33.21 -19.01
N GLY A 308 -28.60 -33.13 -18.02
CA GLY A 308 -29.03 -32.90 -16.65
C GLY A 308 -29.69 -31.54 -16.46
N PHE A 309 -29.25 -30.53 -17.20
CA PHE A 309 -29.89 -29.22 -17.13
C PHE A 309 -31.36 -29.30 -17.53
N TRP A 310 -31.64 -29.99 -18.63
CA TRP A 310 -33.01 -30.01 -19.15
C TRP A 310 -33.93 -30.90 -18.31
N GLN A 311 -33.38 -31.91 -17.64
CA GLN A 311 -34.21 -32.83 -16.88
C GLN A 311 -34.43 -32.40 -15.43
N ASN A 312 -33.52 -31.59 -14.87
CA ASN A 312 -33.57 -31.27 -13.44
C ASN A 312 -33.90 -29.81 -13.15
N SER A 313 -33.83 -28.92 -14.13
CA SER A 313 -34.10 -27.52 -13.87
C SER A 313 -35.59 -27.27 -13.71
N MET A 314 -35.92 -26.26 -12.90
CA MET A 314 -37.29 -25.79 -12.73
C MET A 314 -37.44 -24.52 -13.56
N LEU A 315 -37.88 -24.68 -14.81
CA LEU A 315 -37.97 -23.55 -15.71
C LEU A 315 -39.31 -22.84 -15.63
N THR A 316 -40.33 -23.46 -15.04
CA THR A 316 -41.62 -22.84 -14.82
C THR A 316 -42.04 -23.08 -13.37
N GLU A 317 -42.93 -22.22 -12.89
CA GLU A 317 -43.54 -22.44 -11.59
C GLU A 317 -44.37 -23.71 -11.62
N PRO A 318 -44.23 -24.62 -10.65
CA PRO A 318 -44.91 -25.92 -10.75
C PRO A 318 -46.43 -25.81 -10.84
N GLY A 319 -47.04 -24.95 -10.03
CA GLY A 319 -48.46 -24.72 -10.09
C GLY A 319 -49.34 -25.75 -9.41
N ASP A 320 -48.76 -26.68 -8.65
CA ASP A 320 -49.57 -27.55 -7.80
C ASP A 320 -49.51 -27.10 -6.35
N ASN A 321 -49.43 -25.78 -6.14
CA ASN A 321 -49.24 -25.19 -4.83
C ASN A 321 -47.99 -25.74 -4.13
N ARG A 322 -46.95 -26.02 -4.93
CA ARG A 322 -45.65 -26.35 -4.38
C ARG A 322 -45.01 -24.99 -4.19
N LYS A 323 -45.04 -24.49 -2.96
CA LYS A 323 -44.56 -23.14 -2.74
C LYS A 323 -43.09 -23.07 -3.06
N VAL A 324 -42.72 -22.10 -3.88
CA VAL A 324 -41.43 -22.09 -4.56
C VAL A 324 -40.83 -20.69 -4.46
N VAL A 325 -39.51 -20.64 -4.42
CA VAL A 325 -38.79 -19.38 -4.54
C VAL A 325 -38.63 -19.06 -6.01
N CYS A 326 -39.15 -17.90 -6.44
CA CYS A 326 -39.22 -17.56 -7.85
C CYS A 326 -38.08 -16.66 -8.30
N HIS A 327 -37.18 -16.28 -7.40
CA HIS A 327 -36.03 -15.47 -7.78
C HIS A 327 -35.18 -16.21 -8.79
N PRO A 328 -34.92 -15.63 -9.97
CA PRO A 328 -34.13 -16.32 -11.00
C PRO A 328 -32.70 -16.56 -10.54
N THR A 329 -32.27 -17.82 -10.55
CA THR A 329 -30.94 -18.19 -10.10
C THR A 329 -30.39 -19.33 -10.95
N ALA A 330 -29.07 -19.32 -11.13
CA ALA A 330 -28.35 -20.35 -11.85
C ALA A 330 -27.51 -21.16 -10.86
N TRP A 331 -27.67 -22.49 -10.89
CA TRP A 331 -27.13 -23.37 -9.86
C TRP A 331 -26.04 -24.27 -10.43
N ASP A 332 -24.87 -24.23 -9.80
CA ASP A 332 -23.80 -25.21 -10.01
C ASP A 332 -23.71 -26.03 -8.74
N LEU A 333 -24.44 -27.14 -8.69
CA LEU A 333 -24.48 -27.98 -7.50
C LEU A 333 -23.22 -28.80 -7.31
N GLY A 334 -22.34 -28.84 -8.32
CA GLY A 334 -21.23 -29.77 -8.33
C GLY A 334 -21.60 -31.07 -9.02
N LYS A 335 -20.57 -31.90 -9.22
CA LYS A 335 -20.72 -33.19 -9.91
C LYS A 335 -21.36 -33.02 -11.28
N HIS A 336 -21.02 -31.91 -11.96
CA HIS A 336 -21.57 -31.58 -13.28
C HIS A 336 -23.09 -31.56 -13.28
N ASP A 337 -23.67 -31.08 -12.18
CA ASP A 337 -25.12 -30.93 -12.04
C ASP A 337 -25.43 -29.44 -12.12
N PHE A 338 -25.85 -28.98 -13.29
CA PHE A 338 -26.14 -27.59 -13.55
C PHE A 338 -27.65 -27.41 -13.73
N ARG A 339 -28.23 -26.44 -13.02
CA ARG A 339 -29.67 -26.23 -13.05
C ARG A 339 -29.97 -24.74 -12.98
N ILE A 340 -31.10 -24.35 -13.57
CA ILE A 340 -31.63 -22.99 -13.48
C ILE A 340 -33.02 -23.06 -12.87
N LYS A 341 -33.27 -22.22 -11.86
CA LYS A 341 -34.58 -22.11 -11.23
C LYS A 341 -35.11 -20.69 -11.40
N MET A 342 -36.18 -20.55 -12.18
CA MET A 342 -36.83 -19.26 -12.38
C MET A 342 -38.24 -19.49 -12.89
N CYS A 343 -39.19 -18.73 -12.34
CA CYS A 343 -40.60 -18.82 -12.71
C CYS A 343 -40.81 -18.02 -14.00
N THR A 344 -40.43 -18.65 -15.11
CA THR A 344 -40.36 -17.96 -16.40
C THR A 344 -41.76 -17.69 -16.95
N LYS A 345 -41.95 -16.47 -17.45
CA LYS A 345 -43.15 -16.09 -18.17
C LYS A 345 -42.76 -15.64 -19.57
N VAL A 346 -43.73 -15.68 -20.49
CA VAL A 346 -43.45 -15.37 -21.89
C VAL A 346 -43.37 -13.86 -22.05
N THR A 347 -42.25 -13.28 -21.61
CA THR A 347 -42.01 -11.85 -21.72
C THR A 347 -40.61 -11.62 -22.27
N MET A 348 -40.33 -10.36 -22.60
CA MET A 348 -38.99 -10.00 -23.06
C MET A 348 -38.01 -9.93 -21.91
N ASP A 349 -38.48 -9.51 -20.73
CA ASP A 349 -37.60 -9.42 -19.56
C ASP A 349 -37.08 -10.79 -19.15
N ASP A 350 -37.96 -11.79 -19.10
CA ASP A 350 -37.53 -13.14 -18.77
C ASP A 350 -36.69 -13.75 -19.88
N PHE A 351 -36.96 -13.37 -21.13
CA PHE A 351 -36.12 -13.79 -22.25
C PHE A 351 -34.70 -13.31 -22.05
N LEU A 352 -34.52 -12.04 -21.67
CA LEU A 352 -33.18 -11.52 -21.40
C LEU A 352 -32.59 -12.17 -20.17
N THR A 353 -33.41 -12.42 -19.15
CA THR A 353 -32.94 -13.08 -17.93
C THR A 353 -32.48 -14.49 -18.21
N ALA A 354 -33.15 -15.18 -19.14
CA ALA A 354 -32.75 -16.54 -19.49
C ALA A 354 -31.35 -16.58 -20.07
N HIS A 355 -31.03 -15.63 -20.96
CA HIS A 355 -29.67 -15.53 -21.50
C HIS A 355 -28.68 -15.20 -20.39
N HIS A 356 -29.07 -14.29 -19.48
CA HIS A 356 -28.21 -13.91 -18.37
C HIS A 356 -27.91 -15.10 -17.47
N GLU A 357 -28.93 -15.88 -17.11
CA GLU A 357 -28.72 -16.99 -16.18
C GLU A 357 -27.98 -18.14 -16.86
N MET A 358 -28.27 -18.41 -18.13
CA MET A 358 -27.54 -19.45 -18.84
C MET A 358 -26.07 -19.06 -19.05
N GLY A 359 -25.79 -17.76 -19.10
CA GLY A 359 -24.40 -17.32 -19.12
C GLY A 359 -23.66 -17.71 -17.85
N HIS A 360 -24.35 -17.66 -16.70
CA HIS A 360 -23.78 -18.18 -15.47
C HIS A 360 -23.47 -19.67 -15.59
N ILE A 361 -24.38 -20.43 -16.21
CA ILE A 361 -24.18 -21.86 -16.36
C ILE A 361 -23.01 -22.16 -17.29
N GLN A 362 -22.92 -21.42 -18.40
CA GLN A 362 -21.79 -21.58 -19.31
C GLN A 362 -20.46 -21.37 -18.58
N TYR A 363 -20.39 -20.33 -17.76
CA TYR A 363 -19.21 -20.11 -16.91
C TYR A 363 -18.95 -21.33 -16.03
N ASP A 364 -19.99 -21.81 -15.35
CA ASP A 364 -19.82 -22.97 -14.46
C ASP A 364 -19.35 -24.19 -15.23
N MET A 365 -19.92 -24.43 -16.41
CA MET A 365 -19.51 -25.57 -17.22
C MET A 365 -18.06 -25.45 -17.67
N ALA A 366 -17.57 -24.23 -17.86
CA ALA A 366 -16.24 -24.04 -18.43
C ALA A 366 -15.15 -24.46 -17.46
N TYR A 367 -15.25 -24.07 -16.19
CA TYR A 367 -14.23 -24.40 -15.20
C TYR A 367 -14.56 -25.67 -14.41
N ALA A 368 -15.39 -26.56 -14.96
CA ALA A 368 -15.78 -27.77 -14.25
C ALA A 368 -14.59 -28.68 -13.97
N ALA A 369 -13.57 -28.65 -14.84
CA ALA A 369 -12.41 -29.52 -14.66
C ALA A 369 -11.43 -29.00 -13.62
N GLN A 370 -11.56 -27.75 -13.17
CA GLN A 370 -10.67 -27.21 -12.18
C GLN A 370 -10.89 -27.89 -10.82
N PRO A 371 -9.87 -27.88 -9.96
CA PRO A 371 -10.07 -28.39 -8.60
C PRO A 371 -11.15 -27.61 -7.86
N PHE A 372 -11.70 -28.24 -6.82
CA PHE A 372 -12.89 -27.72 -6.15
C PHE A 372 -12.72 -26.26 -5.73
N LEU A 373 -11.64 -25.96 -5.01
CA LEU A 373 -11.46 -24.61 -4.49
C LEU A 373 -11.30 -23.56 -5.58
N LEU A 374 -11.01 -23.98 -6.82
CA LEU A 374 -10.78 -23.06 -7.92
C LEU A 374 -11.96 -22.99 -8.88
N ARG A 375 -13.12 -23.50 -8.48
CA ARG A 375 -14.32 -23.47 -9.31
C ARG A 375 -15.17 -22.27 -8.91
N ASN A 376 -14.78 -21.11 -9.40
CA ASN A 376 -15.52 -19.87 -9.16
C ASN A 376 -15.05 -18.84 -10.18
N GLY A 377 -15.75 -17.70 -10.21
CA GLY A 377 -15.31 -16.60 -11.04
C GLY A 377 -13.92 -16.14 -10.67
N ALA A 378 -13.25 -15.49 -11.63
CA ALA A 378 -11.89 -15.01 -11.40
C ALA A 378 -11.82 -14.12 -10.16
N ASN A 379 -12.86 -13.30 -9.96
CA ASN A 379 -13.10 -12.67 -8.66
C ASN A 379 -14.60 -12.48 -8.52
N GLU A 380 -15.01 -11.82 -7.43
CA GLU A 380 -16.42 -11.73 -7.07
C GLU A 380 -17.26 -11.01 -8.13
N GLY A 381 -16.63 -10.24 -9.02
CA GLY A 381 -17.35 -9.49 -10.02
C GLY A 381 -17.40 -10.11 -11.41
N PHE A 382 -16.78 -11.26 -11.62
CA PHE A 382 -16.68 -11.81 -12.98
C PHE A 382 -17.96 -12.50 -13.42
N HIS A 383 -18.61 -13.23 -12.51
CA HIS A 383 -19.76 -14.04 -12.91
C HIS A 383 -20.90 -13.16 -13.43
N GLU A 384 -21.24 -12.12 -12.69
CA GLU A 384 -22.34 -11.26 -13.12
C GLU A 384 -21.96 -10.43 -14.34
N ALA A 385 -20.68 -10.13 -14.51
CA ALA A 385 -20.24 -9.44 -15.72
C ALA A 385 -20.47 -10.32 -16.96
N VAL A 386 -20.16 -11.61 -16.85
CA VAL A 386 -20.38 -12.53 -17.97
C VAL A 386 -21.86 -12.62 -18.31
N GLY A 387 -22.71 -12.69 -17.28
CA GLY A 387 -24.14 -12.78 -17.53
C GLY A 387 -24.71 -11.53 -18.17
N GLU A 388 -24.24 -10.36 -17.76
CA GLU A 388 -24.80 -9.10 -18.24
C GLU A 388 -24.51 -8.90 -19.73
N ILE A 389 -23.32 -9.29 -20.19
CA ILE A 389 -22.99 -9.05 -21.60
C ILE A 389 -23.83 -9.94 -22.51
N MET A 390 -24.30 -11.08 -21.99
CA MET A 390 -25.21 -11.91 -22.77
C MET A 390 -26.54 -11.19 -23.00
N SER A 391 -27.03 -10.48 -21.99
CA SER A 391 -28.28 -9.74 -22.14
C SER A 391 -28.10 -8.56 -23.09
N LEU A 392 -26.90 -7.99 -23.16
CA LEU A 392 -26.67 -6.86 -24.07
C LEU A 392 -26.87 -7.26 -25.52
N SER A 393 -26.26 -8.38 -25.93
CA SER A 393 -26.35 -8.79 -27.33
C SER A 393 -27.74 -9.33 -27.67
N ALA A 394 -28.35 -10.08 -26.75
CA ALA A 394 -29.63 -10.71 -27.04
C ALA A 394 -30.75 -9.69 -27.20
N ALA A 395 -30.62 -8.52 -26.57
CA ALA A 395 -31.64 -7.49 -26.64
C ALA A 395 -31.49 -6.56 -27.84
N THR A 396 -30.39 -6.65 -28.59
CA THR A 396 -30.17 -5.76 -29.71
C THR A 396 -31.21 -6.02 -30.81
N PRO A 397 -31.67 -4.97 -31.49
CA PRO A 397 -32.59 -5.20 -32.62
C PRO A 397 -32.02 -6.11 -33.69
N ASN A 398 -30.69 -6.11 -33.87
CA ASN A 398 -30.07 -7.00 -34.84
C ASN A 398 -30.30 -8.47 -34.50
N HIS A 399 -30.10 -8.82 -33.23
CA HIS A 399 -30.30 -10.21 -32.82
C HIS A 399 -31.77 -10.59 -32.81
N LEU A 400 -32.66 -9.65 -32.49
CA LEU A 400 -34.08 -9.97 -32.47
C LEU A 400 -34.64 -10.17 -33.86
N LYS A 401 -34.10 -9.44 -34.85
CA LYS A 401 -34.49 -9.67 -36.24
C LYS A 401 -34.03 -11.05 -36.73
N ASN A 402 -32.81 -11.46 -36.34
CA ASN A 402 -32.27 -12.73 -36.82
C ASN A 402 -33.02 -13.94 -36.28
N ILE A 403 -33.69 -13.81 -35.13
CA ILE A 403 -34.49 -14.90 -34.59
C ILE A 403 -35.97 -14.72 -34.89
N GLY A 404 -36.33 -13.70 -35.67
CA GLY A 404 -37.70 -13.53 -36.11
C GLY A 404 -38.64 -12.86 -35.13
N LEU A 405 -38.11 -12.23 -34.07
CA LEU A 405 -38.97 -11.51 -33.14
C LEU A 405 -39.21 -10.08 -33.57
N LEU A 406 -38.38 -9.55 -34.47
CA LEU A 406 -38.62 -8.29 -35.14
C LEU A 406 -38.74 -8.53 -36.64
N PRO A 407 -39.50 -7.71 -37.36
CA PRO A 407 -39.64 -7.91 -38.79
C PRO A 407 -38.30 -7.75 -39.48
N PRO A 408 -38.11 -8.43 -40.62
CA PRO A 408 -36.81 -8.30 -41.32
C PRO A 408 -36.55 -6.89 -41.83
N ASP A 409 -37.61 -6.11 -42.08
CA ASP A 409 -37.49 -4.73 -42.53
C ASP A 409 -37.45 -3.74 -41.40
N PHE A 410 -37.28 -4.20 -40.16
CA PHE A 410 -37.29 -3.30 -39.00
C PHE A 410 -36.23 -2.23 -39.16
N SER A 411 -36.64 -0.97 -39.07
CA SER A 411 -35.73 0.15 -39.15
C SER A 411 -35.48 0.73 -37.77
N GLU A 412 -34.22 1.03 -37.49
CA GLU A 412 -33.82 1.54 -36.18
C GLU A 412 -34.08 3.03 -36.09
N ASP A 413 -34.37 3.49 -34.87
CA ASP A 413 -34.71 4.88 -34.62
C ASP A 413 -33.77 5.43 -33.55
N SER A 414 -33.14 6.57 -33.85
CA SER A 414 -32.21 7.18 -32.90
C SER A 414 -32.94 7.62 -31.63
N GLU A 415 -34.13 8.20 -31.78
CA GLU A 415 -34.91 8.61 -30.61
C GLU A 415 -35.25 7.40 -29.74
N THR A 416 -35.51 6.26 -30.37
CA THR A 416 -35.72 5.03 -29.62
C THR A 416 -34.42 4.57 -28.95
N ASP A 417 -33.30 4.72 -29.64
CA ASP A 417 -32.01 4.36 -29.05
C ASP A 417 -31.66 5.26 -27.88
N ILE A 418 -31.99 6.55 -27.97
CA ILE A 418 -31.72 7.46 -26.85
C ILE A 418 -32.60 7.10 -25.66
N ASN A 419 -33.85 6.72 -25.91
CA ASN A 419 -34.71 6.23 -24.83
C ASN A 419 -34.11 4.99 -24.18
N PHE A 420 -33.48 4.12 -24.98
CA PHE A 420 -32.86 2.92 -24.43
C PHE A 420 -31.63 3.28 -23.61
N LEU A 421 -30.77 4.16 -24.12
CA LEU A 421 -29.52 4.47 -23.44
C LEU A 421 -29.75 5.22 -22.13
N LEU A 422 -30.75 6.12 -22.09
CA LEU A 422 -31.03 6.84 -20.86
C LEU A 422 -31.51 5.90 -19.77
N LYS A 423 -32.45 5.00 -20.11
CA LYS A 423 -32.93 4.03 -19.14
C LYS A 423 -31.79 3.14 -18.65
N GLN A 424 -30.86 2.79 -19.55
CA GLN A 424 -29.68 2.05 -19.15
C GLN A 424 -28.82 2.85 -18.19
N ALA A 425 -28.64 4.15 -18.46
CA ALA A 425 -27.78 4.97 -17.61
C ALA A 425 -28.39 5.20 -16.24
N LEU A 426 -29.71 5.34 -16.17
CA LEU A 426 -30.36 5.49 -14.87
C LEU A 426 -30.11 4.28 -13.98
N THR A 427 -29.97 3.10 -14.57
CA THR A 427 -29.67 1.88 -13.84
C THR A 427 -28.16 1.69 -13.66
N ILE A 428 -27.41 1.77 -14.76
CA ILE A 428 -25.99 1.42 -14.73
C ILE A 428 -25.15 2.57 -14.19
N VAL A 429 -25.35 3.77 -14.73
CA VAL A 429 -24.51 4.91 -14.34
C VAL A 429 -24.94 5.47 -13.00
N GLY A 430 -26.24 5.51 -12.73
CA GLY A 430 -26.72 6.13 -11.50
C GLY A 430 -26.25 5.43 -10.23
N THR A 431 -25.94 4.14 -10.33
CA THR A 431 -25.55 3.37 -9.15
C THR A 431 -24.06 3.44 -8.85
N LEU A 432 -23.23 3.84 -9.81
CA LEU A 432 -21.79 3.86 -9.58
C LEU A 432 -21.37 4.84 -8.50
N PRO A 433 -21.83 6.11 -8.48
CA PRO A 433 -21.47 6.96 -7.34
C PRO A 433 -22.08 6.50 -6.03
N PHE A 434 -23.31 5.98 -6.07
CA PHE A 434 -23.93 5.42 -4.88
C PHE A 434 -23.09 4.28 -4.31
N THR A 435 -22.71 3.33 -5.16
CA THR A 435 -21.93 2.18 -4.70
C THR A 435 -20.55 2.61 -4.22
N TYR A 436 -19.87 3.47 -4.98
CA TYR A 436 -18.53 3.91 -4.60
C TYR A 436 -18.54 4.67 -3.28
N MET A 437 -19.52 5.56 -3.09
CA MET A 437 -19.56 6.37 -1.89
C MET A 437 -19.93 5.53 -0.67
N LEU A 438 -20.84 4.55 -0.84
CA LEU A 438 -21.21 3.68 0.26
C LEU A 438 -20.03 2.86 0.76
N GLU A 439 -19.25 2.29 -0.16
CA GLU A 439 -18.10 1.49 0.26
C GLU A 439 -16.98 2.36 0.81
N LYS A 440 -16.80 3.55 0.25
CA LYS A 440 -15.80 4.47 0.78
C LYS A 440 -16.10 4.82 2.24
N TRP A 441 -17.37 5.07 2.56
CA TRP A 441 -17.75 5.37 3.93
C TRP A 441 -17.47 4.19 4.85
N ARG A 442 -17.80 2.98 4.40
CA ARG A 442 -17.54 1.78 5.19
C ARG A 442 -16.05 1.55 5.38
N TRP A 443 -15.27 1.72 4.30
CA TRP A 443 -13.81 1.61 4.41
C TRP A 443 -13.24 2.59 5.41
N MET A 444 -13.70 3.85 5.36
CA MET A 444 -13.19 4.85 6.29
C MET A 444 -13.66 4.59 7.71
N VAL A 445 -14.86 4.04 7.88
CA VAL A 445 -15.36 3.71 9.21
C VAL A 445 -14.54 2.57 9.81
N PHE A 446 -14.31 1.51 9.02
CA PHE A 446 -13.51 0.39 9.51
C PHE A 446 -12.09 0.82 9.86
N LYS A 447 -11.52 1.73 9.07
CA LYS A 447 -10.17 2.20 9.32
C LYS A 447 -10.09 3.12 10.53
N GLY A 448 -11.20 3.77 10.90
CA GLY A 448 -11.20 4.70 11.99
C GLY A 448 -11.04 6.16 11.60
N GLU A 449 -11.06 6.47 10.31
CA GLU A 449 -10.95 7.85 9.86
C GLU A 449 -12.24 8.63 10.07
N ILE A 450 -13.36 7.95 10.25
CA ILE A 450 -14.62 8.59 10.61
C ILE A 450 -15.00 8.11 12.01
N PRO A 451 -14.82 8.93 13.04
CA PRO A 451 -15.19 8.51 14.39
C PRO A 451 -16.70 8.35 14.52
N LYS A 452 -17.10 7.59 15.54
CA LYS A 452 -18.52 7.30 15.75
C LYS A 452 -19.33 8.57 15.96
N GLU A 453 -18.73 9.59 16.56
CA GLU A 453 -19.44 10.86 16.73
C GLU A 453 -19.61 11.62 15.43
N GLN A 454 -19.07 11.11 14.32
CA GLN A 454 -19.19 11.76 13.02
C GLN A 454 -19.73 10.83 11.94
N TRP A 455 -20.26 9.67 12.31
CA TRP A 455 -20.73 8.70 11.32
C TRP A 455 -21.76 9.32 10.38
N MET A 456 -22.86 9.83 10.94
CA MET A 456 -23.91 10.40 10.11
C MET A 456 -23.50 11.74 9.50
N GLN A 457 -22.64 12.50 10.19
CA GLN A 457 -22.17 13.76 9.64
C GLN A 457 -21.38 13.52 8.35
N LYS A 458 -20.47 12.56 8.36
CA LYS A 458 -19.69 12.23 7.18
C LYS A 458 -20.50 11.47 6.15
N TRP A 459 -21.56 10.76 6.57
CA TRP A 459 -22.40 10.05 5.62
C TRP A 459 -23.05 11.00 4.62
N TRP A 460 -23.64 12.08 5.12
CA TRP A 460 -24.36 13.02 4.27
C TRP A 460 -23.46 14.08 3.65
N GLU A 461 -22.33 14.40 4.29
CA GLU A 461 -21.33 15.22 3.61
C GLU A 461 -20.81 14.51 2.37
N MET A 462 -20.56 13.20 2.46
CA MET A 462 -20.11 12.43 1.31
C MET A 462 -21.24 12.23 0.31
N LYS A 463 -22.47 12.02 0.81
CA LYS A 463 -23.63 11.92 -0.08
C LYS A 463 -23.80 13.19 -0.90
N ARG A 464 -23.65 14.35 -0.27
CA ARG A 464 -23.76 15.62 -0.99
C ARG A 464 -22.63 15.78 -2.01
N ASP A 465 -21.39 15.59 -1.56
CA ASP A 465 -20.24 15.88 -2.42
C ASP A 465 -20.12 14.86 -3.55
N ILE A 466 -20.14 13.57 -3.22
CA ILE A 466 -19.82 12.54 -4.21
C ILE A 466 -21.04 12.20 -5.06
N VAL A 467 -22.19 12.01 -4.43
CA VAL A 467 -23.38 11.53 -5.15
C VAL A 467 -24.27 12.67 -5.63
N GLY A 468 -24.10 13.88 -5.10
CA GLY A 468 -25.02 14.96 -5.44
C GLY A 468 -26.42 14.75 -4.91
N VAL A 469 -26.54 14.07 -3.77
CA VAL A 469 -27.82 13.75 -3.15
C VAL A 469 -27.81 14.34 -1.74
N VAL A 470 -28.94 14.92 -1.34
CA VAL A 470 -29.06 15.63 -0.07
C VAL A 470 -30.19 15.02 0.73
N GLU A 471 -29.97 14.89 2.05
CA GLU A 471 -31.00 14.34 2.92
C GLU A 471 -32.16 15.34 3.06
N PRO A 472 -33.41 14.87 3.07
CA PRO A 472 -34.54 15.80 3.22
C PRO A 472 -34.74 16.28 4.65
N LEU A 473 -34.24 15.57 5.65
CA LEU A 473 -34.34 15.96 7.04
C LEU A 473 -32.99 15.75 7.70
N PRO A 474 -32.62 16.60 8.66
CA PRO A 474 -31.31 16.45 9.31
C PRO A 474 -31.27 15.21 10.18
N HIS A 475 -30.17 14.47 10.10
CA HIS A 475 -29.99 13.21 10.81
C HIS A 475 -28.75 13.31 11.69
N ASP A 476 -28.95 13.23 13.01
CA ASP A 476 -27.85 13.24 13.96
C ASP A 476 -27.33 11.81 14.16
N GLU A 477 -26.46 11.62 15.13
CA GLU A 477 -25.78 10.34 15.32
C GLU A 477 -26.66 9.28 15.96
N THR A 478 -27.92 9.58 16.30
CA THR A 478 -28.84 8.52 16.70
C THR A 478 -29.30 7.70 15.49
N TYR A 479 -29.14 8.23 14.29
CA TYR A 479 -29.45 7.50 13.07
C TYR A 479 -28.29 6.59 12.69
N CYS A 480 -28.59 5.64 11.81
CA CYS A 480 -27.59 4.81 11.13
C CYS A 480 -28.14 4.50 9.74
N ASP A 481 -28.16 5.53 8.89
CA ASP A 481 -28.78 5.40 7.57
C ASP A 481 -28.14 4.35 6.68
N PRO A 482 -26.80 4.20 6.61
CA PRO A 482 -26.25 3.10 5.80
C PRO A 482 -26.78 1.73 6.20
N ALA A 483 -26.95 1.48 7.49
CA ALA A 483 -27.47 0.20 7.94
C ALA A 483 -28.89 -0.06 7.48
N ALA A 484 -29.59 0.95 6.95
CA ALA A 484 -30.93 0.77 6.43
C ALA A 484 -30.96 0.10 5.06
N LEU A 485 -29.82 -0.19 4.47
CA LEU A 485 -29.73 -0.97 3.25
C LEU A 485 -29.37 -2.42 3.57
N PHE A 486 -29.93 -3.35 2.79
CA PHE A 486 -29.80 -4.77 3.07
C PHE A 486 -28.34 -5.19 3.24
N HIS A 487 -27.47 -4.74 2.32
CA HIS A 487 -26.10 -5.25 2.30
C HIS A 487 -25.30 -4.79 3.50
N VAL A 488 -25.66 -3.65 4.09
CA VAL A 488 -24.92 -3.16 5.24
C VAL A 488 -25.37 -3.87 6.51
N ALA A 489 -26.69 -4.00 6.71
CA ALA A 489 -27.20 -4.67 7.90
C ALA A 489 -26.93 -6.18 7.87
N ASN A 490 -26.72 -6.76 6.70
CA ASN A 490 -26.52 -8.20 6.57
C ASN A 490 -25.08 -8.58 6.22
N ASP A 491 -24.13 -7.66 6.45
CA ASP A 491 -22.70 -7.98 6.43
C ASP A 491 -22.26 -8.54 5.07
N TYR A 492 -22.50 -7.74 4.03
CA TYR A 492 -22.07 -8.08 2.68
C TYR A 492 -21.23 -6.95 2.10
N SER A 493 -20.08 -7.32 1.52
CA SER A 493 -19.29 -6.34 0.78
C SER A 493 -20.07 -5.82 -0.41
N PHE A 494 -19.82 -4.55 -0.76
CA PHE A 494 -20.64 -3.85 -1.73
C PHE A 494 -19.90 -3.38 -2.98
N ILE A 495 -18.57 -3.36 -2.97
CA ILE A 495 -17.81 -2.83 -4.09
C ILE A 495 -17.95 -3.69 -5.34
N ARG A 496 -18.42 -4.94 -5.18
CA ARG A 496 -18.54 -5.83 -6.33
C ARG A 496 -19.47 -5.27 -7.40
N TYR A 497 -20.51 -4.55 -7.01
CA TYR A 497 -21.41 -3.96 -7.98
C TYR A 497 -20.75 -2.84 -8.78
N TYR A 498 -19.71 -2.22 -8.23
CA TYR A 498 -18.91 -1.25 -8.98
C TYR A 498 -18.01 -1.97 -9.98
N THR A 499 -17.20 -2.91 -9.50
CA THR A 499 -16.22 -3.58 -10.36
C THR A 499 -16.90 -4.41 -11.44
N ARG A 500 -18.00 -5.08 -11.11
CA ARG A 500 -18.71 -5.87 -12.10
C ARG A 500 -19.15 -5.02 -13.29
N THR A 501 -19.55 -3.78 -13.02
CA THR A 501 -20.02 -2.90 -14.10
C THR A 501 -18.85 -2.47 -14.99
N ILE A 502 -17.69 -2.20 -14.39
CA ILE A 502 -16.50 -1.88 -15.18
C ILE A 502 -16.09 -3.09 -16.02
N TYR A 503 -16.09 -4.28 -15.39
CA TYR A 503 -15.64 -5.48 -16.09
C TYR A 503 -16.52 -5.80 -17.30
N GLN A 504 -17.84 -5.69 -17.16
CA GLN A 504 -18.74 -6.18 -18.19
C GLN A 504 -18.61 -5.39 -19.50
N PHE A 505 -18.33 -4.10 -19.42
CA PHE A 505 -18.15 -3.34 -20.65
C PHE A 505 -16.75 -3.49 -21.22
N GLN A 506 -15.76 -3.83 -20.39
CA GLN A 506 -14.47 -4.23 -20.91
C GLN A 506 -14.59 -5.53 -21.70
N PHE A 507 -15.32 -6.51 -21.15
CA PHE A 507 -15.58 -7.75 -21.86
C PHE A 507 -16.33 -7.48 -23.16
N GLN A 508 -17.39 -6.68 -23.10
CA GLN A 508 -18.22 -6.44 -24.28
C GLN A 508 -17.43 -5.79 -25.40
N GLU A 509 -16.66 -4.74 -25.08
CA GLU A 509 -15.90 -4.05 -26.11
C GLU A 509 -14.87 -4.97 -26.75
N ALA A 510 -14.20 -5.79 -25.94
CA ALA A 510 -13.18 -6.70 -26.47
C ALA A 510 -13.80 -7.73 -27.40
N LEU A 511 -14.89 -8.37 -26.96
CA LEU A 511 -15.53 -9.39 -27.78
C LEU A 511 -16.21 -8.80 -29.01
N CYS A 512 -16.63 -7.54 -28.94
CA CYS A 512 -17.31 -6.92 -30.08
C CYS A 512 -16.34 -6.54 -31.19
N GLN A 513 -15.09 -6.24 -30.86
CA GLN A 513 -14.09 -6.05 -31.89
C GLN A 513 -13.74 -7.38 -32.56
N ILE A 514 -13.64 -8.45 -31.76
CA ILE A 514 -13.41 -9.78 -32.31
C ILE A 514 -14.58 -10.18 -33.21
N ALA A 515 -15.81 -9.84 -32.81
CA ALA A 515 -16.99 -10.15 -33.60
C ALA A 515 -17.16 -9.23 -34.80
N LYS A 516 -16.19 -8.33 -35.04
CA LYS A 516 -16.16 -7.47 -36.22
C LYS A 516 -17.33 -6.48 -36.24
N HIS A 517 -17.72 -6.00 -35.06
CA HIS A 517 -18.83 -5.06 -34.98
C HIS A 517 -18.37 -3.67 -35.41
N GLU A 518 -19.12 -3.06 -36.33
CA GLU A 518 -18.90 -1.71 -36.79
C GLU A 518 -19.98 -0.80 -36.21
N GLY A 519 -19.60 0.40 -35.80
CA GLY A 519 -20.55 1.36 -35.30
C GLY A 519 -20.53 1.47 -33.78
N PRO A 520 -21.51 2.18 -33.23
CA PRO A 520 -21.54 2.39 -31.78
C PRO A 520 -21.59 1.08 -31.01
N LEU A 521 -20.95 1.08 -29.83
CA LEU A 521 -20.80 -0.13 -29.04
C LEU A 521 -22.13 -0.69 -28.56
N TYR A 522 -23.09 0.19 -28.26
CA TYR A 522 -24.36 -0.28 -27.68
C TYR A 522 -25.22 -1.05 -28.67
N LYS A 523 -24.86 -1.06 -29.95
CA LYS A 523 -25.60 -1.80 -30.97
C LYS A 523 -24.95 -3.14 -31.31
N CYS A 524 -23.93 -3.55 -30.55
CA CYS A 524 -23.16 -4.73 -30.89
C CYS A 524 -23.90 -6.01 -30.55
N ASP A 525 -23.88 -6.97 -31.49
CA ASP A 525 -24.41 -8.30 -31.28
C ASP A 525 -23.31 -9.30 -31.62
N ILE A 526 -22.89 -10.07 -30.62
CA ILE A 526 -21.76 -10.99 -30.79
C ILE A 526 -22.25 -12.33 -31.31
N SER A 527 -23.52 -12.41 -31.70
CA SER A 527 -24.09 -13.66 -32.17
C SER A 527 -23.37 -14.15 -33.42
N ASN A 528 -23.21 -15.47 -33.51
CA ASN A 528 -22.64 -16.21 -34.63
C ASN A 528 -21.13 -16.02 -34.75
N SER A 529 -20.51 -15.26 -33.85
CA SER A 529 -19.05 -15.08 -33.87
C SER A 529 -18.43 -16.15 -32.98
N ARG A 530 -17.96 -17.24 -33.60
CA ARG A 530 -17.30 -18.29 -32.85
C ARG A 530 -15.96 -17.84 -32.29
N GLU A 531 -15.34 -16.82 -32.91
CA GLU A 531 -14.08 -16.29 -32.39
C GLU A 531 -14.30 -15.52 -31.09
N ALA A 532 -15.43 -14.82 -30.98
CA ALA A 532 -15.74 -14.11 -29.74
C ALA A 532 -15.99 -15.09 -28.61
N GLY A 533 -16.76 -16.15 -28.87
CA GLY A 533 -17.03 -17.14 -27.82
C GLY A 533 -15.82 -17.96 -27.45
N GLN A 534 -14.99 -18.32 -28.43
CA GLN A 534 -13.78 -19.08 -28.13
C GLN A 534 -12.79 -18.25 -27.30
N LYS A 535 -12.71 -16.95 -27.57
CA LYS A 535 -11.84 -16.10 -26.76
C LYS A 535 -12.37 -15.97 -25.34
N LEU A 536 -13.69 -15.78 -25.19
CA LEU A 536 -14.28 -15.68 -23.87
C LEU A 536 -14.13 -16.98 -23.09
N HIS A 537 -14.27 -18.12 -23.78
CA HIS A 537 -14.13 -19.41 -23.12
C HIS A 537 -12.72 -19.64 -22.60
N GLU A 538 -11.72 -19.03 -23.24
CA GLU A 538 -10.35 -19.11 -22.74
C GLU A 538 -10.27 -18.63 -21.30
N MET A 539 -11.00 -17.57 -20.97
CA MET A 539 -10.98 -17.04 -19.60
C MET A 539 -11.91 -17.81 -18.69
N LEU A 540 -13.11 -18.16 -19.17
CA LEU A 540 -14.08 -18.85 -18.32
C LEU A 540 -13.51 -20.17 -17.80
N SER A 541 -12.75 -20.89 -18.62
CA SER A 541 -12.20 -22.18 -18.21
C SER A 541 -11.14 -22.03 -17.12
N LEU A 542 -10.57 -20.84 -16.95
CA LEU A 542 -9.60 -20.65 -15.88
C LEU A 542 -10.25 -20.75 -14.51
N GLY A 543 -11.52 -20.38 -14.40
CA GLY A 543 -12.15 -20.29 -13.11
C GLY A 543 -11.39 -19.31 -12.22
N ARG A 544 -10.90 -19.79 -11.08
CA ARG A 544 -10.06 -19.01 -10.19
C ARG A 544 -8.65 -19.58 -10.11
N SER A 545 -8.23 -20.34 -11.13
CA SER A 545 -6.91 -20.97 -11.11
C SER A 545 -5.80 -19.97 -11.35
N LYS A 546 -6.09 -18.88 -12.05
CA LYS A 546 -5.13 -17.83 -12.35
C LYS A 546 -5.55 -16.52 -11.71
N PRO A 547 -4.64 -15.58 -11.51
CA PRO A 547 -5.03 -14.27 -10.98
C PRO A 547 -6.08 -13.60 -11.86
N TRP A 548 -6.94 -12.79 -11.23
CA TRP A 548 -7.99 -12.13 -11.99
C TRP A 548 -7.41 -11.11 -12.96
N THR A 549 -6.25 -10.55 -12.64
CA THR A 549 -5.57 -9.69 -13.61
C THR A 549 -5.16 -10.46 -14.85
N PHE A 550 -4.71 -11.70 -14.66
CA PHE A 550 -4.37 -12.56 -15.81
C PHE A 550 -5.61 -12.93 -16.59
N ALA A 551 -6.70 -13.30 -15.89
CA ALA A 551 -7.93 -13.68 -16.58
C ALA A 551 -8.51 -12.52 -17.35
N LEU A 552 -8.48 -11.32 -16.77
CA LEU A 552 -8.95 -10.14 -17.49
C LEU A 552 -8.11 -9.86 -18.73
N GLU A 553 -6.79 -10.06 -18.61
CA GLU A 553 -5.90 -9.82 -19.73
C GLU A 553 -6.18 -10.76 -20.90
N ARG A 554 -6.61 -11.99 -20.62
CA ARG A 554 -6.83 -12.96 -21.68
C ARG A 554 -7.96 -12.55 -22.61
N VAL A 555 -8.94 -11.80 -22.11
CA VAL A 555 -10.06 -11.38 -22.94
C VAL A 555 -9.84 -10.01 -23.55
N VAL A 556 -9.41 -9.04 -22.74
CA VAL A 556 -9.40 -7.64 -23.15
C VAL A 556 -8.00 -7.09 -23.35
N GLY A 557 -6.96 -7.87 -23.08
CA GLY A 557 -5.61 -7.40 -23.28
C GLY A 557 -5.09 -6.42 -22.24
N ALA A 558 -5.89 -6.10 -21.23
CA ALA A 558 -5.49 -5.19 -20.16
C ALA A 558 -5.53 -5.94 -18.82
N LYS A 559 -4.62 -5.55 -17.92
CA LYS A 559 -4.46 -6.25 -16.65
C LYS A 559 -5.28 -5.66 -15.52
N THR A 560 -5.86 -4.48 -15.69
CA THR A 560 -6.63 -3.83 -14.63
C THR A 560 -7.93 -3.30 -15.19
N MET A 561 -8.85 -2.97 -14.29
CA MET A 561 -10.14 -2.46 -14.68
C MET A 561 -10.00 -1.10 -15.38
N ASP A 562 -10.83 -0.88 -16.39
CA ASP A 562 -10.75 0.31 -17.22
C ASP A 562 -12.17 0.75 -17.55
N VAL A 563 -12.51 1.98 -17.17
CA VAL A 563 -13.87 2.48 -17.32
C VAL A 563 -14.12 3.08 -18.69
N ARG A 564 -13.08 3.25 -19.51
CA ARG A 564 -13.27 3.81 -20.84
C ARG A 564 -14.20 2.99 -21.72
N PRO A 565 -14.19 1.65 -21.70
CA PRO A 565 -15.26 0.92 -22.40
C PRO A 565 -16.66 1.31 -21.96
N LEU A 566 -16.86 1.51 -20.65
CA LEU A 566 -18.16 1.94 -20.16
C LEU A 566 -18.54 3.30 -20.75
N LEU A 567 -17.62 4.26 -20.69
CA LEU A 567 -17.89 5.59 -21.26
C LEU A 567 -18.12 5.51 -22.76
N ASN A 568 -17.42 4.59 -23.45
CA ASN A 568 -17.63 4.42 -24.88
C ASN A 568 -19.04 3.93 -25.17
N TYR A 569 -19.54 3.02 -24.34
CA TYR A 569 -20.90 2.50 -24.51
C TYR A 569 -21.93 3.62 -24.40
N PHE A 570 -21.71 4.57 -23.50
CA PHE A 570 -22.66 5.64 -23.25
C PHE A 570 -22.30 6.94 -23.97
N GLU A 571 -21.30 6.91 -24.85
CA GLU A 571 -20.91 8.14 -25.55
C GLU A 571 -22.04 8.77 -26.36
N PRO A 572 -22.86 8.03 -27.11
CA PRO A 572 -24.00 8.69 -27.79
C PRO A 572 -24.95 9.38 -26.83
N LEU A 573 -25.17 8.80 -25.64
CA LEU A 573 -26.00 9.47 -24.65
C LEU A 573 -25.30 10.70 -24.08
N PHE A 574 -23.99 10.61 -23.86
CA PHE A 574 -23.23 11.76 -23.38
C PHE A 574 -23.39 12.95 -24.31
N THR A 575 -23.37 12.71 -25.61
CA THR A 575 -23.54 13.80 -26.57
C THR A 575 -24.94 14.39 -26.48
N TRP A 576 -25.96 13.55 -26.31
CA TRP A 576 -27.33 14.06 -26.21
C TRP A 576 -27.55 14.80 -24.90
N LEU A 577 -26.96 14.30 -23.80
CA LEU A 577 -27.13 14.97 -22.52
C LEU A 577 -26.49 16.35 -22.51
N LYS A 578 -25.29 16.47 -23.10
CA LYS A 578 -24.61 17.77 -23.11
C LYS A 578 -25.41 18.82 -23.87
N GLU A 579 -26.08 18.42 -24.96
CA GLU A 579 -26.88 19.37 -25.70
C GLU A 579 -28.18 19.68 -24.97
N GLN A 580 -28.73 18.72 -24.23
CA GLN A 580 -29.94 18.95 -23.45
C GLN A 580 -29.67 19.78 -22.20
N ASN A 581 -28.44 19.78 -21.70
CA ASN A 581 -28.07 20.52 -20.51
C ASN A 581 -27.44 21.86 -20.84
N ARG A 582 -27.61 22.33 -22.08
CA ARG A 582 -26.98 23.58 -22.51
C ARG A 582 -27.50 24.76 -21.70
N ASN A 583 -28.80 24.79 -21.41
CA ASN A 583 -29.40 25.83 -20.59
C ASN A 583 -29.65 25.40 -19.16
N SER A 584 -28.93 24.38 -18.69
CA SER A 584 -29.06 23.89 -17.33
C SER A 584 -27.71 23.88 -16.65
N PHE A 585 -27.70 24.11 -15.35
CA PHE A 585 -26.48 24.02 -14.57
C PHE A 585 -26.04 22.57 -14.43
N VAL A 586 -24.75 22.33 -14.63
CA VAL A 586 -24.15 21.00 -14.52
C VAL A 586 -23.25 21.00 -13.30
N GLY A 587 -23.51 20.10 -12.37
CA GLY A 587 -22.90 20.12 -11.06
C GLY A 587 -23.92 20.42 -9.98
N TRP A 588 -23.41 20.63 -8.77
CA TRP A 588 -24.31 20.87 -7.65
C TRP A 588 -23.54 21.56 -6.53
N ASN A 589 -24.25 22.42 -5.81
CA ASN A 589 -23.76 22.94 -4.54
C ASN A 589 -24.20 22.03 -3.41
N THR A 590 -23.36 21.93 -2.38
CA THR A 590 -23.64 21.08 -1.24
C THR A 590 -24.13 21.88 -0.04
N ASP A 591 -24.62 23.09 -0.26
CA ASP A 591 -25.11 23.95 0.80
C ASP A 591 -26.62 23.96 0.94
N TRP A 592 -27.36 23.55 -0.09
CA TRP A 592 -28.81 23.57 -0.08
C TRP A 592 -29.37 22.27 0.48
N SER A 593 -30.55 22.37 1.07
CA SER A 593 -31.27 21.23 1.60
C SER A 593 -32.74 21.60 1.72
N PRO A 594 -33.65 20.62 1.78
CA PRO A 594 -35.08 20.95 1.89
C PRO A 594 -35.54 21.36 3.28
N TYR A 595 -34.62 21.30 4.23
CA TYR A 595 -34.90 21.78 5.60
C TYR A 595 -34.28 23.19 5.75
N ALA A 596 -33.46 23.59 4.78
CA ALA A 596 -32.77 24.91 4.77
C ALA A 596 -32.52 25.47 3.35
N ASP A 597 -33.23 26.51 2.93
CA ASP A 597 -33.11 27.08 1.56
C ASP A 597 -31.99 28.13 1.49
N HIS A 598 -30.74 27.71 1.39
CA HIS A 598 -29.60 28.61 1.26
C HIS A 598 -28.62 27.99 0.28
N HIS A 599 -27.87 28.85 -0.40
CA HIS A 599 -26.93 28.41 -1.41
C HIS A 599 -25.48 28.66 -1.03
N HIS A 600 -25.22 29.19 0.16
CA HIS A 600 -23.86 29.43 0.64
C HIS A 600 -23.80 29.25 2.15
N SER B 1 36.62 48.75 6.92
CA SER B 1 37.92 49.33 7.21
C SER B 1 39.00 48.25 7.15
N THR B 2 39.09 47.46 8.23
CA THR B 2 40.00 46.34 8.29
C THR B 2 39.47 45.18 7.44
N THR B 3 40.34 44.20 7.21
CA THR B 3 39.91 43.00 6.48
C THR B 3 38.81 42.28 7.23
N GLU B 4 38.84 42.32 8.56
CA GLU B 4 37.78 41.70 9.34
C GLU B 4 36.49 42.51 9.29
N ASP B 5 36.59 43.83 9.18
CA ASP B 5 35.38 44.65 9.04
C ASP B 5 34.69 44.40 7.71
N LEU B 6 35.46 44.25 6.63
CA LEU B 6 34.86 43.94 5.34
C LEU B 6 34.24 42.55 5.34
N ALA B 7 34.90 41.58 5.99
CA ALA B 7 34.36 40.23 6.03
C ALA B 7 33.13 40.15 6.92
N LYS B 8 33.06 40.96 7.98
CA LYS B 8 31.89 40.95 8.84
C LYS B 8 30.66 41.45 8.11
N THR B 9 30.81 42.52 7.32
CA THR B 9 29.69 43.02 6.52
C THR B 9 29.38 42.08 5.36
N PHE B 10 30.40 41.45 4.78
CA PHE B 10 30.18 40.48 3.71
C PHE B 10 29.35 39.30 4.20
N LEU B 11 29.66 38.79 5.40
CA LEU B 11 28.93 37.63 5.91
C LEU B 11 27.50 37.98 6.28
N GLU B 12 27.25 39.21 6.72
CA GLU B 12 25.87 39.63 7.01
C GLU B 12 25.04 39.65 5.73
N LYS B 13 25.56 40.28 4.69
CA LYS B 13 24.89 40.28 3.40
C LYS B 13 24.67 38.87 2.87
N PHE B 14 25.67 38.00 3.03
CA PHE B 14 25.54 36.61 2.59
C PHE B 14 24.41 35.91 3.32
N ASN B 15 24.31 36.10 4.63
CA ASN B 15 23.33 35.36 5.43
C ASN B 15 21.91 35.71 5.01
N TYR B 16 21.61 36.99 4.84
CA TYR B 16 20.24 37.38 4.50
C TYR B 16 19.90 36.98 3.07
N GLU B 17 20.87 37.09 2.14
CA GLU B 17 20.64 36.61 0.78
C GLU B 17 20.43 35.11 0.75
N ALA B 18 21.30 34.36 1.46
CA ALA B 18 21.17 32.90 1.49
C ALA B 18 19.87 32.47 2.17
N GLU B 19 19.43 33.21 3.18
CA GLU B 19 18.19 32.86 3.86
C GLU B 19 17.01 32.84 2.90
N GLU B 20 16.96 33.82 1.98
CA GLU B 20 15.84 33.90 1.05
C GLU B 20 15.95 32.86 -0.06
N LEU B 21 17.14 32.72 -0.65
CA LEU B 21 17.29 31.82 -1.79
C LEU B 21 17.24 30.36 -1.37
N SER B 22 17.83 30.02 -0.22
CA SER B 22 17.77 28.65 0.25
C SER B 22 16.37 28.27 0.70
N TYR B 23 15.60 29.22 1.22
CA TYR B 23 14.23 28.93 1.62
C TYR B 23 13.37 28.61 0.40
N GLN B 24 13.47 29.44 -0.66
CA GLN B 24 12.72 29.16 -1.88
C GLN B 24 13.17 27.85 -2.51
N ASN B 25 14.45 27.52 -2.40
CA ASN B 25 14.94 26.25 -2.92
C ASN B 25 14.40 25.08 -2.12
N SER B 26 14.29 25.25 -0.80
CA SER B 26 13.71 24.20 0.03
C SER B 26 12.20 24.14 -0.13
N LEU B 27 11.55 25.29 -0.28
CA LEU B 27 10.10 25.32 -0.47
C LEU B 27 9.71 24.65 -1.79
N ALA B 28 10.41 24.98 -2.88
CA ALA B 28 10.11 24.37 -4.16
C ALA B 28 10.35 22.87 -4.13
N SER B 29 11.45 22.44 -3.53
CA SER B 29 11.73 21.01 -3.41
C SER B 29 10.68 20.31 -2.57
N TRP B 30 10.17 20.99 -1.54
CA TRP B 30 9.09 20.41 -0.73
C TRP B 30 7.82 20.25 -1.55
N ASN B 31 7.46 21.26 -2.34
CA ASN B 31 6.23 21.18 -3.13
C ASN B 31 6.32 20.10 -4.21
N TYR B 32 7.52 19.78 -4.67
CA TYR B 32 7.67 18.64 -5.56
C TYR B 32 7.54 17.32 -4.81
N ASN B 33 8.20 17.22 -3.65
CA ASN B 33 8.16 15.99 -2.87
C ASN B 33 6.77 15.69 -2.32
N THR B 34 5.92 16.70 -2.18
CA THR B 34 4.55 16.49 -1.71
C THR B 34 3.52 16.61 -2.81
N ASN B 35 3.94 16.90 -4.04
CA ASN B 35 3.03 17.00 -5.18
C ASN B 35 3.81 16.85 -6.47
N ILE B 36 4.14 15.60 -6.83
CA ILE B 36 4.99 15.33 -7.99
C ILE B 36 4.25 15.75 -9.25
N THR B 37 4.70 16.83 -9.88
CA THR B 37 4.11 17.37 -11.10
C THR B 37 5.22 18.03 -11.91
N ASP B 38 5.12 17.92 -13.24
CA ASP B 38 6.09 18.54 -14.12
C ASP B 38 6.28 20.01 -13.80
N GLU B 39 5.18 20.71 -13.50
CA GLU B 39 5.27 22.11 -13.11
C GLU B 39 6.09 22.29 -11.84
N ASN B 40 5.90 21.41 -10.86
CA ASN B 40 6.68 21.48 -9.63
C ASN B 40 8.12 21.02 -9.83
N ILE B 41 8.39 20.24 -10.89
CA ILE B 41 9.77 19.94 -11.24
C ILE B 41 10.44 21.16 -11.84
N GLN B 42 9.68 21.99 -12.56
CA GLN B 42 10.25 23.18 -13.20
C GLN B 42 10.69 24.19 -12.15
N LYS B 43 9.78 24.53 -11.21
CA LYS B 43 10.11 25.50 -10.17
C LYS B 43 11.23 25.01 -9.26
N MET B 44 11.32 23.71 -9.03
CA MET B 44 12.38 23.18 -8.15
C MET B 44 13.75 23.28 -8.81
N ASN B 45 13.82 23.04 -10.12
CA ASN B 45 15.12 23.08 -10.79
C ASN B 45 15.62 24.51 -10.98
N ILE B 46 14.70 25.47 -11.18
CA ILE B 46 15.11 26.86 -11.27
C ILE B 46 15.61 27.35 -9.92
N ALA B 47 14.92 26.99 -8.83
CA ALA B 47 15.35 27.40 -7.51
C ALA B 47 16.70 26.77 -7.16
N GLY B 48 16.93 25.53 -7.60
CA GLY B 48 18.22 24.91 -7.40
C GLY B 48 19.32 25.56 -8.22
N ALA B 49 18.96 26.08 -9.40
CA ALA B 49 19.94 26.75 -10.25
C ALA B 49 20.34 28.09 -9.63
N LYS B 50 19.36 28.90 -9.23
CA LYS B 50 19.67 30.18 -8.60
C LYS B 50 20.46 30.00 -7.32
N TRP B 51 20.07 29.02 -6.48
CA TRP B 51 20.75 28.83 -5.21
C TRP B 51 22.19 28.39 -5.41
N SER B 52 22.43 27.50 -6.37
CA SER B 52 23.81 27.07 -6.63
C SER B 52 24.62 28.20 -7.25
N ALA B 53 24.02 28.97 -8.17
CA ALA B 53 24.74 30.08 -8.79
C ALA B 53 25.07 31.16 -7.77
N PHE B 54 24.17 31.38 -6.81
CA PHE B 54 24.46 32.35 -5.75
C PHE B 54 25.59 31.87 -4.86
N TYR B 55 25.54 30.60 -4.44
CA TYR B 55 26.57 30.07 -3.55
C TYR B 55 27.93 30.01 -4.22
N GLU B 56 27.97 29.72 -5.53
CA GLU B 56 29.25 29.62 -6.21
C GLU B 56 29.94 30.96 -6.29
N GLU B 57 29.19 32.03 -6.58
CA GLU B 57 29.77 33.37 -6.62
C GLU B 57 30.22 33.82 -5.24
N GLU B 58 29.39 33.60 -4.22
CA GLU B 58 29.74 34.03 -2.88
C GLU B 58 30.94 33.26 -2.34
N SER B 59 31.09 31.98 -2.74
CA SER B 59 32.25 31.21 -2.30
C SER B 59 33.53 31.78 -2.86
N GLN B 60 33.53 32.17 -4.14
CA GLN B 60 34.71 32.80 -4.74
C GLN B 60 35.06 34.10 -4.04
N HIS B 61 34.05 34.94 -3.76
CA HIS B 61 34.32 36.23 -3.14
C HIS B 61 34.80 36.08 -1.70
N ALA B 62 34.43 34.98 -1.03
CA ALA B 62 34.91 34.76 0.32
C ALA B 62 36.42 34.59 0.36
N LYS B 63 37.01 34.13 -0.75
CA LYS B 63 38.46 33.99 -0.85
C LYS B 63 39.18 35.32 -0.93
N THR B 64 38.46 36.43 -1.14
CA THR B 64 39.08 37.74 -1.15
C THR B 64 39.65 38.11 0.22
N TYR B 65 39.05 37.60 1.29
CA TYR B 65 39.41 38.00 2.64
C TYR B 65 40.32 36.96 3.27
N PRO B 66 41.60 37.27 3.48
CA PRO B 66 42.52 36.27 4.06
C PRO B 66 42.11 35.91 5.48
N LEU B 67 42.06 34.60 5.75
CA LEU B 67 41.59 34.11 7.05
C LEU B 67 42.51 34.53 8.18
N GLU B 68 43.83 34.49 7.97
CA GLU B 68 44.77 34.84 9.03
C GLU B 68 44.61 36.28 9.52
N GLU B 69 44.04 37.15 8.69
CA GLU B 69 43.76 38.52 9.09
C GLU B 69 42.40 38.65 9.79
N ILE B 70 41.65 37.56 9.88
CA ILE B 70 40.39 37.53 10.63
C ILE B 70 40.69 37.02 12.03
N GLN B 71 40.22 37.76 13.05
CA GLN B 71 40.54 37.44 14.43
C GLN B 71 39.40 36.78 15.19
N ASP B 72 38.16 37.25 15.01
CA ASP B 72 37.04 36.66 15.71
C ASP B 72 36.83 35.22 15.24
N PRO B 73 36.66 34.26 16.17
CA PRO B 73 36.52 32.86 15.73
C PRO B 73 35.22 32.59 14.99
N ILE B 74 34.13 33.24 15.38
CA ILE B 74 32.85 33.00 14.73
C ILE B 74 32.91 33.45 13.27
N ILE B 75 33.49 34.62 13.02
CA ILE B 75 33.71 35.07 11.65
C ILE B 75 34.70 34.16 10.94
N LYS B 76 35.69 33.64 11.66
CA LYS B 76 36.68 32.78 11.05
C LYS B 76 36.08 31.45 10.61
N ARG B 77 35.21 30.86 11.46
CA ARG B 77 34.55 29.61 11.08
C ARG B 77 33.66 29.80 9.86
N GLN B 78 32.87 30.88 9.85
CA GLN B 78 31.96 31.13 8.73
C GLN B 78 32.72 31.36 7.43
N LEU B 79 33.81 32.12 7.49
CA LEU B 79 34.54 32.46 6.27
C LEU B 79 35.21 31.23 5.66
N ARG B 80 35.88 30.43 6.48
CA ARG B 80 36.56 29.23 5.99
C ARG B 80 35.57 28.23 5.39
N ALA B 81 34.40 28.07 6.02
CA ALA B 81 33.40 27.17 5.46
C ALA B 81 32.93 27.61 4.08
N LEU B 82 32.94 28.92 3.82
CA LEU B 82 32.49 29.45 2.54
C LEU B 82 33.61 29.48 1.49
N GLN B 83 34.87 29.64 1.92
CA GLN B 83 35.98 29.65 0.98
C GLN B 83 36.29 28.26 0.42
N GLN B 84 35.89 27.20 1.11
CA GLN B 84 36.19 25.85 0.64
C GLN B 84 35.51 25.59 -0.70
N SER B 85 36.30 25.26 -1.71
CA SER B 85 35.82 25.03 -3.06
C SER B 85 35.80 23.54 -3.38
N GLY B 86 35.15 23.21 -4.48
CA GLY B 86 35.08 21.84 -4.96
C GLY B 86 35.60 21.71 -6.38
N SER B 87 34.73 21.27 -7.29
CA SER B 87 35.15 21.05 -8.67
C SER B 87 35.40 22.33 -9.43
N SER B 88 35.02 23.49 -8.89
CA SER B 88 35.20 24.75 -9.61
C SER B 88 36.67 25.07 -9.85
N VAL B 89 37.58 24.52 -9.03
CA VAL B 89 39.00 24.84 -9.17
C VAL B 89 39.65 24.13 -10.34
N LEU B 90 39.00 23.13 -10.92
CA LEU B 90 39.54 22.45 -12.09
C LEU B 90 39.28 23.26 -13.34
N SER B 91 40.15 23.06 -14.34
CA SER B 91 39.95 23.69 -15.63
C SER B 91 38.68 23.15 -16.28
N ALA B 92 38.14 23.92 -17.23
CA ALA B 92 36.81 23.66 -17.76
C ALA B 92 36.71 22.28 -18.40
N ASP B 93 37.78 21.81 -19.04
CA ASP B 93 37.73 20.51 -19.69
C ASP B 93 37.68 19.38 -18.67
N LYS B 94 38.55 19.43 -17.66
CA LYS B 94 38.50 18.44 -16.59
C LYS B 94 37.22 18.58 -15.77
N ARG B 95 36.73 19.82 -15.60
CA ARG B 95 35.49 20.02 -14.85
C ARG B 95 34.30 19.40 -15.57
N GLU B 96 34.21 19.57 -16.89
CA GLU B 96 33.13 18.94 -17.65
C GLU B 96 33.23 17.43 -17.62
N ARG B 97 34.44 16.89 -17.79
CA ARG B 97 34.59 15.44 -17.83
C ARG B 97 34.20 14.79 -16.51
N LEU B 98 34.56 15.43 -15.39
CA LEU B 98 34.22 14.86 -14.09
C LEU B 98 32.71 14.80 -13.90
N ASN B 99 32.00 15.85 -14.30
CA ASN B 99 30.53 15.82 -14.23
C ASN B 99 29.95 14.77 -15.15
N THR B 100 30.55 14.58 -16.33
CA THR B 100 30.07 13.56 -17.24
C THR B 100 30.27 12.17 -16.65
N ILE B 101 31.38 11.96 -15.95
CA ILE B 101 31.63 10.68 -15.33
C ILE B 101 30.70 10.46 -14.14
N LEU B 102 30.45 11.53 -13.37
CA LEU B 102 29.55 11.42 -12.24
C LEU B 102 28.14 11.05 -12.69
N ASN B 103 27.62 11.73 -13.72
CA ASN B 103 26.31 11.38 -14.25
C ASN B 103 26.28 9.98 -14.82
N ALA B 104 27.37 9.56 -15.49
CA ALA B 104 27.40 8.23 -16.09
C ALA B 104 27.33 7.14 -15.03
N MET B 105 28.18 7.26 -13.99
CA MET B 105 28.15 6.28 -12.91
C MET B 105 26.81 6.26 -12.19
N SER B 106 26.17 7.43 -12.07
CA SER B 106 24.89 7.48 -11.36
C SER B 106 23.78 6.81 -12.16
N THR B 107 23.75 7.03 -13.48
CA THR B 107 22.71 6.42 -14.31
C THR B 107 22.94 4.93 -14.49
N ILE B 108 24.20 4.49 -14.55
CA ILE B 108 24.49 3.06 -14.67
C ILE B 108 24.03 2.32 -13.43
N TYR B 109 24.24 2.91 -12.25
CA TYR B 109 23.84 2.25 -11.02
C TYR B 109 22.32 2.19 -10.87
N SER B 110 21.61 3.18 -11.40
CA SER B 110 20.16 3.24 -11.23
C SER B 110 19.39 2.62 -12.38
N THR B 111 20.06 2.32 -13.50
CA THR B 111 19.40 1.70 -14.65
C THR B 111 20.03 0.38 -15.07
N GLY B 112 21.17 0.00 -14.51
CA GLY B 112 21.80 -1.25 -14.88
C GLY B 112 20.99 -2.45 -14.42
N LYS B 113 21.04 -3.51 -15.22
CA LYS B 113 20.30 -4.73 -14.96
C LYS B 113 21.23 -5.92 -15.03
N ALA B 114 20.91 -6.95 -14.23
CA ALA B 114 21.55 -8.25 -14.30
C ALA B 114 20.51 -9.28 -14.72
N CYS B 115 20.88 -10.15 -15.66
CA CYS B 115 19.95 -11.11 -16.24
C CYS B 115 20.15 -12.49 -15.62
N ASN B 116 19.05 -13.17 -15.37
CA ASN B 116 19.07 -14.51 -14.82
C ASN B 116 19.77 -15.47 -15.78
N PRO B 117 20.87 -16.12 -15.38
CA PRO B 117 21.52 -17.07 -16.29
C PRO B 117 20.64 -18.25 -16.63
N ASN B 118 19.69 -18.60 -15.75
CA ASN B 118 18.78 -19.71 -16.01
C ASN B 118 17.60 -19.27 -16.87
N ASN B 119 17.17 -18.02 -16.73
CA ASN B 119 16.10 -17.44 -17.53
C ASN B 119 16.64 -16.15 -18.12
N PRO B 120 17.32 -16.23 -19.28
CA PRO B 120 17.99 -15.04 -19.82
C PRO B 120 17.04 -13.92 -20.21
N GLN B 121 15.73 -14.18 -20.22
CA GLN B 121 14.76 -13.12 -20.47
C GLN B 121 14.52 -12.26 -19.24
N GLU B 122 14.64 -12.83 -18.04
CA GLU B 122 14.45 -12.10 -16.79
C GLU B 122 15.70 -11.30 -16.48
N CYS B 123 15.63 -9.98 -16.67
CA CYS B 123 16.70 -9.07 -16.31
C CYS B 123 16.16 -8.05 -15.30
N LEU B 124 16.82 -7.93 -14.16
CA LEU B 124 16.29 -7.21 -13.01
C LEU B 124 17.13 -5.98 -12.70
N LEU B 125 16.45 -4.86 -12.43
CA LEU B 125 17.09 -3.71 -11.82
C LEU B 125 17.49 -4.03 -10.39
N LEU B 126 18.34 -3.17 -9.82
CA LEU B 126 18.76 -3.35 -8.44
C LEU B 126 17.61 -3.09 -7.48
N GLU B 127 17.02 -1.90 -7.55
CA GLU B 127 16.09 -1.45 -6.52
C GLU B 127 14.87 -2.35 -6.37
N PRO B 128 14.20 -2.80 -7.44
CA PRO B 128 13.12 -3.78 -7.25
C PRO B 128 13.63 -5.21 -7.12
N GLY B 129 14.11 -5.78 -8.24
CA GLY B 129 14.32 -7.21 -8.34
C GLY B 129 15.52 -7.79 -7.64
N LEU B 130 16.69 -7.18 -7.82
CA LEU B 130 17.91 -7.77 -7.26
C LEU B 130 17.94 -7.62 -5.74
N ASP B 131 17.44 -6.49 -5.22
CA ASP B 131 17.35 -6.34 -3.77
C ASP B 131 16.42 -7.38 -3.17
N ASP B 132 15.28 -7.65 -3.82
CA ASP B 132 14.34 -8.65 -3.31
C ASP B 132 15.00 -10.01 -3.18
N ILE B 133 15.81 -10.39 -4.17
CA ILE B 133 16.52 -11.67 -4.08
C ILE B 133 17.51 -11.66 -2.92
N MET B 134 18.36 -10.63 -2.85
CA MET B 134 19.42 -10.60 -1.86
C MET B 134 18.92 -10.35 -0.44
N GLU B 135 17.68 -9.90 -0.27
CA GLU B 135 17.15 -9.60 1.06
C GLU B 135 16.16 -10.62 1.58
N ASN B 136 15.60 -11.47 0.72
CA ASN B 136 14.59 -12.44 1.15
C ASN B 136 14.87 -13.88 0.73
N SER B 137 15.69 -14.11 -0.29
CA SER B 137 15.90 -15.47 -0.78
C SER B 137 16.73 -16.28 0.21
N LYS B 138 16.40 -17.57 0.29
CA LYS B 138 17.15 -18.52 1.10
C LYS B 138 17.82 -19.60 0.25
N ASP B 139 17.91 -19.38 -1.07
CA ASP B 139 18.52 -20.33 -1.98
C ASP B 139 19.91 -19.85 -2.35
N TYR B 140 20.90 -20.73 -2.16
CA TYR B 140 22.30 -20.36 -2.37
C TYR B 140 22.56 -19.92 -3.81
N ASN B 141 22.02 -20.66 -4.78
CA ASN B 141 22.35 -20.39 -6.18
C ASN B 141 21.59 -19.18 -6.72
N GLU B 142 20.40 -18.90 -6.20
CA GLU B 142 19.68 -17.71 -6.63
C GLU B 142 20.36 -16.44 -6.13
N ARG B 143 20.76 -16.44 -4.85
CA ARG B 143 21.52 -15.31 -4.31
C ARG B 143 22.86 -15.15 -5.03
N LEU B 144 23.39 -16.24 -5.58
CA LEU B 144 24.71 -16.18 -6.20
C LEU B 144 24.68 -15.45 -7.53
N TRP B 145 23.71 -15.78 -8.40
CA TRP B 145 23.69 -15.15 -9.71
C TRP B 145 23.28 -13.68 -9.62
N ALA B 146 22.46 -13.32 -8.63
CA ALA B 146 22.14 -11.91 -8.42
C ALA B 146 23.36 -11.14 -7.92
N TRP B 147 24.08 -11.71 -6.95
CA TRP B 147 25.28 -11.07 -6.42
C TRP B 147 26.35 -10.95 -7.50
N GLU B 148 26.61 -12.04 -8.21
CA GLU B 148 27.66 -12.04 -9.23
C GLU B 148 27.25 -11.22 -10.44
N GLY B 149 26.01 -11.39 -10.91
CA GLY B 149 25.57 -10.67 -12.09
C GLY B 149 25.55 -9.17 -11.91
N TRP B 150 25.17 -8.71 -10.72
CA TRP B 150 25.18 -7.28 -10.45
C TRP B 150 26.57 -6.70 -10.55
N ARG B 151 27.58 -7.47 -10.16
CA ARG B 151 28.97 -7.02 -10.25
C ARG B 151 29.59 -7.29 -11.61
N SER B 152 29.12 -8.34 -12.30
CA SER B 152 29.68 -8.66 -13.61
C SER B 152 29.14 -7.74 -14.70
N GLU B 153 27.86 -7.39 -14.66
CA GLU B 153 27.29 -6.59 -15.74
C GLU B 153 27.33 -5.08 -15.44
N VAL B 154 27.04 -4.69 -14.20
CA VAL B 154 27.05 -3.27 -13.84
C VAL B 154 28.40 -2.85 -13.28
N GLY B 155 28.96 -3.65 -12.36
CA GLY B 155 30.22 -3.30 -11.74
C GLY B 155 31.36 -3.15 -12.74
N LYS B 156 31.36 -3.96 -13.80
CA LYS B 156 32.41 -3.86 -14.80
C LYS B 156 32.25 -2.61 -15.66
N GLN B 157 31.03 -2.14 -15.87
CA GLN B 157 30.83 -0.87 -16.56
C GLN B 157 31.42 0.29 -15.76
N LEU B 158 31.37 0.21 -14.44
CA LEU B 158 31.83 1.29 -13.58
C LEU B 158 33.34 1.31 -13.42
N ARG B 159 34.02 0.19 -13.69
CA ARG B 159 35.46 0.12 -13.45
C ARG B 159 36.25 1.17 -14.24
N PRO B 160 36.08 1.32 -15.55
CA PRO B 160 36.85 2.37 -16.23
C PRO B 160 36.42 3.77 -15.84
N LEU B 161 35.15 3.97 -15.54
CA LEU B 161 34.68 5.29 -15.10
C LEU B 161 35.24 5.64 -13.71
N TYR B 162 35.38 4.64 -12.84
CA TYR B 162 35.86 4.92 -11.49
C TYR B 162 37.34 5.27 -11.48
N GLU B 163 38.12 4.70 -12.40
CA GLU B 163 39.53 5.04 -12.47
C GLU B 163 39.74 6.49 -12.86
N GLU B 164 38.96 6.98 -13.84
CA GLU B 164 39.02 8.39 -14.18
C GLU B 164 38.42 9.26 -13.09
N TYR B 165 37.45 8.73 -12.35
CA TYR B 165 36.89 9.43 -11.20
C TYR B 165 37.97 9.69 -10.15
N VAL B 166 38.79 8.68 -9.86
CA VAL B 166 39.84 8.83 -8.86
C VAL B 166 40.87 9.86 -9.30
N ALA B 167 41.26 9.83 -10.58
CA ALA B 167 42.29 10.75 -11.05
C ALA B 167 41.81 12.19 -11.06
N LEU B 168 40.56 12.41 -11.52
CA LEU B 168 40.03 13.77 -11.57
C LEU B 168 39.76 14.31 -10.16
N LYS B 169 39.21 13.47 -9.28
CA LYS B 169 38.94 13.92 -7.92
C LYS B 169 40.22 14.21 -7.16
N ASN B 170 41.27 13.42 -7.39
CA ASN B 170 42.55 13.66 -6.73
C ASN B 170 43.14 15.00 -7.16
N GLU B 171 43.01 15.33 -8.46
CA GLU B 171 43.48 16.62 -8.93
C GLU B 171 42.69 17.77 -8.32
N MET B 172 41.37 17.60 -8.21
CA MET B 172 40.53 18.60 -7.55
C MET B 172 40.99 18.83 -6.12
N ALA B 173 41.32 17.75 -5.40
CA ALA B 173 41.71 17.88 -4.00
C ALA B 173 43.07 18.55 -3.86
N ARG B 174 44.01 18.23 -4.75
CA ARG B 174 45.34 18.85 -4.63
C ARG B 174 45.28 20.34 -4.96
N ALA B 175 44.48 20.72 -5.95
CA ALA B 175 44.31 22.13 -6.27
C ALA B 175 43.64 22.89 -5.13
N ASN B 176 42.97 22.19 -4.23
CA ASN B 176 42.42 22.79 -3.01
C ASN B 176 43.35 22.61 -1.81
N ASN B 177 44.60 22.21 -2.05
CA ASN B 177 45.65 22.11 -1.02
C ASN B 177 45.43 20.94 -0.07
N TYR B 178 44.78 19.87 -0.55
CA TYR B 178 44.71 18.62 0.19
C TYR B 178 45.64 17.60 -0.45
N GLU B 179 45.96 16.55 0.31
CA GLU B 179 46.86 15.52 -0.20
C GLU B 179 46.20 14.72 -1.32
N ASP B 180 44.94 14.39 -1.16
CA ASP B 180 44.19 13.56 -2.12
C ASP B 180 42.72 13.67 -1.74
N TYR B 181 41.87 13.02 -2.54
CA TYR B 181 40.43 13.10 -2.32
C TYR B 181 40.02 12.52 -0.97
N GLY B 182 40.81 11.55 -0.45
CA GLY B 182 40.53 11.04 0.88
C GLY B 182 40.84 12.04 1.97
N ASP B 183 42.01 12.69 1.86
CA ASP B 183 42.33 13.78 2.78
C ASP B 183 41.32 14.92 2.67
N TYR B 184 40.76 15.11 1.47
CA TYR B 184 39.71 16.11 1.28
C TYR B 184 38.45 15.75 2.07
N TRP B 185 38.03 14.49 2.03
CA TRP B 185 36.84 14.07 2.75
C TRP B 185 37.04 14.11 4.26
N ARG B 186 38.22 13.72 4.72
CA ARG B 186 38.49 13.77 6.16
C ARG B 186 38.51 15.20 6.71
N GLY B 187 38.57 16.20 5.83
CA GLY B 187 38.43 17.58 6.27
C GLY B 187 37.07 17.89 6.86
N ASP B 188 36.07 17.05 6.59
CA ASP B 188 34.75 17.23 7.21
C ASP B 188 34.80 17.12 8.73
N TYR B 189 35.85 16.51 9.28
CA TYR B 189 36.04 16.39 10.72
C TYR B 189 37.11 17.33 11.26
N GLU B 190 37.79 18.08 10.40
CA GLU B 190 38.86 18.97 10.85
C GLU B 190 38.30 20.15 11.64
N GLU B 191 38.91 20.46 12.77
CA GLU B 191 38.54 21.61 13.60
C GLU B 191 39.77 22.44 13.92
N GLU B 192 39.72 23.72 13.55
CA GLU B 192 40.81 24.66 13.77
C GLU B 192 40.38 25.59 14.90
N TRP B 193 40.73 25.20 16.13
CA TRP B 193 40.33 25.93 17.35
C TRP B 193 41.52 25.96 18.29
N ALA B 194 41.58 26.99 19.14
CA ALA B 194 42.80 27.29 19.90
C ALA B 194 42.75 26.92 21.38
N ASP B 195 41.78 26.13 21.83
CA ASP B 195 41.78 25.71 23.24
C ASP B 195 41.87 24.19 23.41
N GLY B 196 42.65 23.51 22.57
CA GLY B 196 42.71 22.08 22.65
C GLY B 196 41.56 21.35 21.99
N TYR B 197 40.61 22.08 21.40
CA TYR B 197 39.48 21.49 20.71
C TYR B 197 39.73 21.30 19.22
N ASN B 198 40.95 21.56 18.75
CA ASN B 198 41.29 21.34 17.37
C ASN B 198 41.30 19.84 17.06
N TYR B 199 41.20 19.52 15.78
CA TYR B 199 41.14 18.12 15.33
C TYR B 199 41.79 18.03 13.96
N SER B 200 42.93 17.35 13.90
CA SER B 200 43.61 17.18 12.62
C SER B 200 42.87 16.17 11.75
N ARG B 201 43.05 16.31 10.43
CA ARG B 201 42.47 15.34 9.50
C ARG B 201 43.09 13.95 9.72
N ASN B 202 44.39 13.90 10.00
CA ASN B 202 45.03 12.63 10.30
C ASN B 202 44.52 12.02 11.60
N GLN B 203 44.00 12.83 12.51
CA GLN B 203 43.50 12.30 13.78
C GLN B 203 42.28 11.41 13.58
N LEU B 204 41.46 11.70 12.55
CA LEU B 204 40.32 10.85 12.25
C LEU B 204 40.76 9.44 11.90
N ILE B 205 41.86 9.32 11.17
CA ILE B 205 42.41 7.99 10.86
C ILE B 205 42.77 7.27 12.14
N GLU B 206 43.41 7.98 13.07
CA GLU B 206 43.86 7.36 14.31
C GLU B 206 42.68 6.92 15.18
N ASP B 207 41.69 7.80 15.36
CA ASP B 207 40.54 7.44 16.18
C ASP B 207 39.74 6.30 15.57
N VAL B 208 39.64 6.26 14.23
CA VAL B 208 38.91 5.18 13.59
C VAL B 208 39.62 3.84 13.76
N GLU B 209 40.96 3.84 13.59
CA GLU B 209 41.72 2.61 13.78
C GLU B 209 41.65 2.14 15.23
N HIS B 210 41.73 3.09 16.18
CA HIS B 210 41.80 2.72 17.59
C HIS B 210 40.45 2.19 18.09
N THR B 211 39.36 2.87 17.75
CA THR B 211 38.04 2.40 18.17
C THR B 211 37.70 1.07 17.54
N PHE B 212 38.21 0.78 16.34
CA PHE B 212 37.84 -0.45 15.66
C PHE B 212 38.48 -1.67 16.32
N THR B 213 39.74 -1.56 16.76
CA THR B 213 40.39 -2.68 17.42
C THR B 213 39.66 -3.08 18.70
N GLN B 214 38.94 -2.14 19.33
CA GLN B 214 38.13 -2.48 20.48
C GLN B 214 36.80 -3.12 20.09
N ILE B 215 36.35 -2.91 18.86
CA ILE B 215 35.13 -3.55 18.37
C ILE B 215 35.40 -5.01 18.01
N LYS B 216 36.64 -5.33 17.63
CA LYS B 216 36.96 -6.65 17.10
C LYS B 216 36.53 -7.82 17.98
N PRO B 217 36.73 -7.81 19.30
CA PRO B 217 36.26 -8.98 20.10
C PRO B 217 34.76 -9.22 19.98
N LEU B 218 33.95 -8.17 20.09
CA LEU B 218 32.50 -8.34 19.99
C LEU B 218 32.09 -8.81 18.60
N TYR B 219 32.70 -8.24 17.56
CA TYR B 219 32.32 -8.59 16.20
C TYR B 219 32.67 -10.05 15.88
N GLU B 220 33.83 -10.52 16.33
CA GLU B 220 34.23 -11.90 16.04
C GLU B 220 33.25 -12.90 16.64
N HIS B 221 32.76 -12.61 17.85
CA HIS B 221 31.79 -13.51 18.46
C HIS B 221 30.43 -13.40 17.78
N LEU B 222 30.05 -12.19 17.36
CA LEU B 222 28.88 -12.05 16.50
C LEU B 222 29.11 -12.76 15.17
N HIS B 223 30.31 -12.62 14.60
CA HIS B 223 30.65 -13.33 13.37
C HIS B 223 30.60 -14.85 13.58
N ALA B 224 31.13 -15.32 14.72
CA ALA B 224 31.17 -16.75 14.97
C ALA B 224 29.77 -17.32 15.15
N TYR B 225 28.87 -16.57 15.79
CA TYR B 225 27.50 -17.04 15.97
C TYR B 225 26.76 -17.08 14.63
N VAL B 226 26.93 -16.05 13.79
CA VAL B 226 26.27 -16.03 12.50
C VAL B 226 26.76 -17.19 11.62
N ARG B 227 28.06 -17.47 11.68
CA ARG B 227 28.63 -18.53 10.86
C ARG B 227 28.02 -19.89 11.21
N ALA B 228 27.95 -20.21 12.50
CA ALA B 228 27.41 -21.51 12.91
C ALA B 228 25.94 -21.65 12.54
N LYS B 229 25.19 -20.55 12.56
CA LYS B 229 23.77 -20.61 12.19
C LYS B 229 23.58 -20.60 10.68
N LEU B 230 24.50 -19.99 9.94
CA LEU B 230 24.41 -20.03 8.48
C LEU B 230 24.84 -21.38 7.91
N MET B 231 25.65 -22.14 8.65
CA MET B 231 25.97 -23.50 8.23
C MET B 231 24.73 -24.38 8.21
N ASP B 232 23.78 -24.15 9.13
CA ASP B 232 22.54 -24.91 9.12
C ASP B 232 21.65 -24.48 7.95
N ALA B 233 21.61 -23.19 7.66
CA ALA B 233 20.75 -22.70 6.58
C ALA B 233 21.29 -23.10 5.21
N TYR B 234 22.61 -23.25 5.08
CA TYR B 234 23.25 -23.63 3.82
C TYR B 234 24.21 -24.77 4.11
N PRO B 235 23.70 -25.99 4.25
CA PRO B 235 24.58 -27.11 4.60
C PRO B 235 25.63 -27.38 3.53
N SER B 236 26.83 -27.74 4.00
CA SER B 236 27.99 -28.10 3.19
C SER B 236 28.53 -26.93 2.36
N ARG B 237 28.08 -25.70 2.62
CA ARG B 237 28.48 -24.55 1.83
C ARG B 237 29.39 -23.58 2.57
N ILE B 238 29.47 -23.66 3.90
CA ILE B 238 30.21 -22.70 4.70
C ILE B 238 31.18 -23.47 5.59
N SER B 239 32.44 -23.00 5.61
CA SER B 239 33.48 -23.62 6.43
C SER B 239 33.38 -23.10 7.86
N PRO B 240 33.48 -24.00 8.86
CA PRO B 240 33.29 -23.57 10.25
C PRO B 240 34.39 -22.67 10.78
N THR B 241 35.54 -22.60 10.11
CA THR B 241 36.62 -21.72 10.53
C THR B 241 36.96 -20.64 9.51
N GLY B 242 36.22 -20.57 8.40
CA GLY B 242 36.53 -19.64 7.33
C GLY B 242 35.65 -18.39 7.37
N CYS B 243 35.71 -17.65 6.27
CA CYS B 243 34.95 -16.42 6.13
C CYS B 243 33.54 -16.72 5.61
N LEU B 244 32.65 -15.74 5.81
CA LEU B 244 31.27 -15.87 5.36
C LEU B 244 31.16 -15.53 3.88
N PRO B 245 30.50 -16.37 3.07
CA PRO B 245 30.32 -16.03 1.66
C PRO B 245 29.55 -14.71 1.51
N ALA B 246 30.04 -13.86 0.61
CA ALA B 246 29.54 -12.49 0.51
C ALA B 246 28.09 -12.41 0.04
N HIS B 247 27.60 -13.43 -0.65
CA HIS B 247 26.25 -13.39 -1.23
C HIS B 247 25.18 -13.96 -0.30
N LEU B 248 25.52 -14.23 0.96
CA LEU B 248 24.60 -14.88 1.89
C LEU B 248 24.40 -14.03 3.15
N LEU B 249 24.51 -12.70 3.03
CA LEU B 249 24.60 -11.84 4.21
C LEU B 249 23.36 -10.99 4.46
N GLY B 250 22.32 -11.11 3.64
CA GLY B 250 21.06 -10.45 3.88
C GLY B 250 20.76 -9.26 3.00
N ASP B 251 21.74 -8.74 2.26
CA ASP B 251 21.47 -7.72 1.24
C ASP B 251 22.50 -7.89 0.12
N MET B 252 22.49 -6.96 -0.83
CA MET B 252 23.37 -7.07 -2.00
C MET B 252 24.85 -7.00 -1.64
N TRP B 253 25.21 -6.44 -0.49
CA TRP B 253 26.61 -6.20 -0.16
C TRP B 253 27.05 -6.76 1.19
N GLY B 254 26.13 -7.14 2.06
CA GLY B 254 26.51 -7.43 3.43
C GLY B 254 26.65 -6.20 4.29
N ARG B 255 26.03 -5.08 3.89
CA ARG B 255 26.13 -3.85 4.66
C ARG B 255 25.49 -4.01 6.04
N PHE B 256 24.30 -4.63 6.09
CA PHE B 256 23.65 -4.98 7.35
C PHE B 256 23.33 -6.46 7.34
N TRP B 257 23.35 -7.05 8.54
CA TRP B 257 22.98 -8.44 8.73
C TRP B 257 21.57 -8.60 9.31
N THR B 258 20.77 -7.53 9.24
CA THR B 258 19.45 -7.53 9.85
C THR B 258 18.57 -8.65 9.30
N ASN B 259 18.62 -8.87 7.99
CA ASN B 259 17.73 -9.84 7.35
C ASN B 259 18.17 -11.28 7.55
N LEU B 260 19.27 -11.52 8.27
CA LEU B 260 19.64 -12.87 8.68
C LEU B 260 18.99 -13.28 9.99
N TYR B 261 18.29 -12.37 10.66
CA TYR B 261 17.73 -12.63 11.97
C TYR B 261 16.81 -13.86 12.03
N PRO B 262 15.87 -14.08 11.10
CA PRO B 262 14.99 -15.26 11.23
C PRO B 262 15.73 -16.59 11.19
N LEU B 263 16.96 -16.62 10.70
CA LEU B 263 17.74 -17.85 10.63
C LEU B 263 18.52 -18.13 11.90
N MET B 264 18.49 -17.23 12.89
CA MET B 264 19.38 -17.34 14.03
C MET B 264 18.75 -16.71 15.27
N VAL B 265 17.45 -16.89 15.44
CA VAL B 265 16.76 -16.34 16.60
C VAL B 265 17.24 -17.06 17.85
N PRO B 266 17.79 -16.33 18.83
CA PRO B 266 18.30 -17.01 20.04
C PRO B 266 17.25 -17.79 20.80
N PHE B 267 16.03 -17.27 20.89
CA PHE B 267 14.93 -17.93 21.60
C PHE B 267 13.67 -17.79 20.73
N GLY B 268 13.45 -18.77 19.86
CA GLY B 268 12.36 -18.73 18.91
C GLY B 268 10.98 -18.82 19.52
N GLN B 269 10.88 -19.19 20.80
CA GLN B 269 9.61 -19.28 21.49
C GLN B 269 9.11 -17.93 22.00
N LYS B 270 9.96 -16.91 22.02
CA LYS B 270 9.59 -15.62 22.59
C LYS B 270 9.25 -14.62 21.50
N PRO B 271 7.98 -14.20 21.38
CA PRO B 271 7.64 -13.22 20.35
C PRO B 271 8.19 -11.84 20.67
N ASN B 272 8.56 -11.11 19.62
CA ASN B 272 9.10 -9.78 19.80
C ASN B 272 8.03 -8.83 20.33
N ILE B 273 8.47 -7.79 21.03
CA ILE B 273 7.51 -6.80 21.53
C ILE B 273 7.05 -5.98 20.32
N ASP B 274 5.75 -5.99 20.06
CA ASP B 274 5.18 -5.31 18.89
C ASP B 274 3.84 -4.72 19.29
N VAL B 275 3.77 -3.39 19.39
CA VAL B 275 2.60 -2.70 19.91
C VAL B 275 1.68 -2.21 18.78
N THR B 276 1.80 -2.79 17.58
CA THR B 276 0.95 -2.36 16.48
C THR B 276 -0.52 -2.59 16.79
N ASP B 277 -0.86 -3.79 17.27
CA ASP B 277 -2.26 -4.12 17.52
C ASP B 277 -2.83 -3.27 18.65
N ALA B 278 -2.02 -2.96 19.66
CA ALA B 278 -2.50 -2.13 20.76
C ALA B 278 -2.79 -0.70 20.31
N MET B 279 -1.98 -0.17 19.38
CA MET B 279 -2.25 1.16 18.84
C MET B 279 -3.57 1.18 18.07
N VAL B 280 -3.78 0.19 17.20
CA VAL B 280 -4.99 0.18 16.39
C VAL B 280 -6.22 -0.08 17.26
N ASN B 281 -6.09 -0.96 18.26
CA ASN B 281 -7.22 -1.28 19.12
C ASN B 281 -7.64 -0.06 19.93
N GLN B 282 -6.72 0.85 20.21
CA GLN B 282 -7.04 2.10 20.90
C GLN B 282 -7.37 3.23 19.94
N SER B 283 -7.55 2.91 18.65
CA SER B 283 -7.96 3.87 17.63
C SER B 283 -6.95 5.01 17.49
N TRP B 284 -5.66 4.65 17.46
CA TRP B 284 -4.62 5.61 17.14
C TRP B 284 -4.63 5.92 15.65
N ASP B 285 -4.19 7.12 15.30
CA ASP B 285 -3.99 7.50 13.91
C ASP B 285 -2.62 8.18 13.79
N ALA B 286 -2.28 8.56 12.56
CA ALA B 286 -0.97 9.15 12.32
C ALA B 286 -0.75 10.41 13.14
N ARG B 287 -1.82 11.20 13.33
CA ARG B 287 -1.70 12.40 14.16
C ARG B 287 -1.39 12.03 15.61
N ARG B 288 -2.05 10.99 16.12
CA ARG B 288 -1.77 10.54 17.48
C ARG B 288 -0.32 10.11 17.65
N ILE B 289 0.26 9.51 16.62
CA ILE B 289 1.65 9.06 16.70
C ILE B 289 2.58 10.25 16.90
N PHE B 290 2.35 11.34 16.16
CA PHE B 290 3.21 12.50 16.29
C PHE B 290 2.87 13.35 17.52
N LYS B 291 1.61 13.33 17.95
CA LYS B 291 1.27 14.01 19.20
C LYS B 291 1.94 13.34 20.39
N GLU B 292 2.06 12.01 20.35
CA GLU B 292 2.75 11.28 21.42
C GLU B 292 4.26 11.51 21.37
N ALA B 293 4.83 11.54 20.17
CA ALA B 293 6.24 11.88 20.04
C ALA B 293 6.52 13.27 20.58
N GLU B 294 5.62 14.21 20.30
CA GLU B 294 5.75 15.55 20.87
C GLU B 294 5.69 15.53 22.39
N LYS B 295 4.79 14.71 22.94
CA LYS B 295 4.71 14.56 24.39
C LYS B 295 6.02 14.05 24.97
N PHE B 296 6.69 13.14 24.25
CA PHE B 296 7.95 12.58 24.74
C PHE B 296 9.00 13.67 24.91
N PHE B 297 9.15 14.53 23.90
CA PHE B 297 10.17 15.59 24.00
C PHE B 297 9.79 16.64 25.03
N VAL B 298 8.49 16.91 25.21
CA VAL B 298 8.07 17.86 26.24
C VAL B 298 8.32 17.28 27.63
N SER B 299 8.08 15.98 27.81
CA SER B 299 8.37 15.34 29.08
C SER B 299 9.84 15.43 29.43
N VAL B 300 10.72 15.59 28.42
CA VAL B 300 12.15 15.61 28.62
C VAL B 300 12.70 17.03 28.72
N GLY B 301 11.84 18.04 28.69
CA GLY B 301 12.23 19.42 28.84
C GLY B 301 12.40 20.21 27.56
N LEU B 302 12.10 19.60 26.41
CA LEU B 302 12.19 20.25 25.11
C LEU B 302 10.86 20.89 24.75
N PRO B 303 10.86 21.87 23.84
CA PRO B 303 9.61 22.57 23.51
C PRO B 303 8.70 21.72 22.65
N ASN B 304 7.47 22.21 22.50
CA ASN B 304 6.52 21.59 21.58
C ASN B 304 6.94 21.88 20.14
N MET B 305 6.28 21.19 19.21
CA MET B 305 6.42 21.55 17.80
C MET B 305 5.78 22.91 17.55
N THR B 306 6.27 23.60 16.53
CA THR B 306 5.68 24.90 16.20
C THR B 306 4.28 24.70 15.64
N GLU B 307 3.52 25.81 15.60
CA GLU B 307 2.22 25.76 14.96
C GLU B 307 2.36 25.52 13.47
N GLY B 308 3.41 26.04 12.85
CA GLY B 308 3.65 25.80 11.44
C GLY B 308 3.91 24.34 11.13
N PHE B 309 4.50 23.61 12.09
CA PHE B 309 4.73 22.18 11.90
C PHE B 309 3.42 21.44 11.67
N TRP B 310 2.38 21.75 12.45
CA TRP B 310 1.15 20.98 12.38
C TRP B 310 0.33 21.31 11.14
N GLN B 311 0.43 22.53 10.62
CA GLN B 311 -0.38 22.91 9.47
C GLN B 311 0.28 22.61 8.13
N ASN B 312 1.60 22.52 8.08
CA ASN B 312 2.32 22.39 6.81
C ASN B 312 2.96 21.03 6.59
N SER B 313 3.07 20.21 7.64
CA SER B 313 3.69 18.90 7.46
C SER B 313 2.73 17.94 6.76
N MET B 314 3.31 17.01 6.02
CA MET B 314 2.55 15.93 5.39
C MET B 314 2.74 14.69 6.25
N LEU B 315 1.84 14.51 7.22
CA LEU B 315 1.94 13.41 8.17
C LEU B 315 1.25 12.14 7.69
N THR B 316 0.39 12.23 6.67
CA THR B 316 -0.27 11.07 6.09
C THR B 316 -0.07 11.08 4.59
N GLU B 317 -0.17 9.89 3.99
CA GLU B 317 -0.17 9.79 2.54
C GLU B 317 -1.42 10.48 1.98
N PRO B 318 -1.29 11.39 1.01
CA PRO B 318 -2.47 12.16 0.59
C PRO B 318 -3.55 11.29 -0.06
N GLY B 319 -3.20 10.50 -1.06
CA GLY B 319 -4.15 9.57 -1.65
C GLY B 319 -5.28 10.20 -2.44
N ASP B 320 -5.24 11.51 -2.66
CA ASP B 320 -6.25 12.23 -3.44
C ASP B 320 -5.75 12.54 -4.85
N ASN B 321 -5.23 11.51 -5.52
CA ASN B 321 -4.58 11.62 -6.83
C ASN B 321 -3.34 12.51 -6.76
N ARG B 322 -2.66 12.52 -5.62
CA ARG B 322 -1.42 13.25 -5.42
C ARG B 322 -0.23 12.29 -5.25
N LYS B 323 0.58 12.15 -6.30
CA LYS B 323 1.76 11.29 -6.25
C LYS B 323 2.82 11.90 -5.33
N VAL B 324 3.38 11.09 -4.42
CA VAL B 324 4.22 11.61 -3.34
C VAL B 324 5.43 10.71 -3.14
N VAL B 325 6.53 11.32 -2.70
CA VAL B 325 7.71 10.59 -2.22
C VAL B 325 7.48 10.28 -0.75
N CYS B 326 7.52 8.99 -0.40
CA CYS B 326 7.15 8.53 0.93
C CYS B 326 8.32 8.32 1.88
N HIS B 327 9.55 8.52 1.43
CA HIS B 327 10.70 8.38 2.32
C HIS B 327 10.57 9.35 3.49
N PRO B 328 10.57 8.86 4.73
CA PRO B 328 10.41 9.77 5.88
C PRO B 328 11.62 10.70 6.00
N THR B 329 11.33 12.00 6.01
CA THR B 329 12.38 13.02 6.08
C THR B 329 11.90 14.18 6.94
N ALA B 330 12.85 14.80 7.64
CA ALA B 330 12.58 15.96 8.47
C ALA B 330 13.20 17.18 7.79
N TRP B 331 12.39 18.22 7.59
CA TRP B 331 12.75 19.36 6.76
C TRP B 331 12.91 20.60 7.62
N ASP B 332 14.08 21.23 7.53
CA ASP B 332 14.32 22.56 8.07
C ASP B 332 14.49 23.48 6.86
N LEU B 333 13.38 24.08 6.42
CA LEU B 333 13.38 24.92 5.24
C LEU B 333 14.01 26.29 5.47
N GLY B 334 14.27 26.65 6.72
CA GLY B 334 14.64 28.01 7.06
C GLY B 334 13.43 28.84 7.43
N LYS B 335 13.71 30.05 7.93
CA LYS B 335 12.66 30.97 8.37
C LYS B 335 11.76 30.33 9.43
N HIS B 336 12.35 29.48 10.29
CA HIS B 336 11.62 28.78 11.33
C HIS B 336 10.45 27.97 10.76
N ASP B 337 10.66 27.40 9.58
CA ASP B 337 9.68 26.56 8.90
C ASP B 337 10.16 25.12 8.99
N PHE B 338 9.61 24.38 9.96
CA PHE B 338 9.99 22.99 10.20
C PHE B 338 8.82 22.09 9.81
N ARG B 339 9.11 21.06 9.02
CA ARG B 339 8.09 20.16 8.51
C ARG B 339 8.62 18.74 8.47
N ILE B 340 7.70 17.78 8.60
CA ILE B 340 8.00 16.37 8.44
C ILE B 340 7.13 15.83 7.31
N LYS B 341 7.75 15.11 6.39
CA LYS B 341 7.07 14.46 5.28
C LYS B 341 7.22 12.96 5.49
N MET B 342 6.10 12.28 5.76
CA MET B 342 6.14 10.85 6.03
C MET B 342 4.77 10.25 5.79
N CYS B 343 4.73 9.14 5.06
CA CYS B 343 3.49 8.41 4.79
C CYS B 343 3.24 7.48 5.97
N THR B 344 2.77 8.08 7.06
CA THR B 344 2.68 7.37 8.33
C THR B 344 1.53 6.37 8.33
N LYS B 345 1.81 5.17 8.83
CA LYS B 345 0.80 4.18 9.11
C LYS B 345 0.85 3.84 10.60
N VAL B 346 -0.27 3.34 11.12
CA VAL B 346 -0.39 3.09 12.55
C VAL B 346 0.34 1.79 12.88
N THR B 347 1.67 1.84 12.89
CA THR B 347 2.51 0.69 13.20
C THR B 347 3.57 1.09 14.21
N MET B 348 4.32 0.10 14.70
CA MET B 348 5.39 0.36 15.66
C MET B 348 6.63 0.95 14.98
N ASP B 349 6.93 0.51 13.75
CA ASP B 349 8.09 1.06 13.07
C ASP B 349 7.90 2.54 12.77
N ASP B 350 6.71 2.93 12.31
CA ASP B 350 6.43 4.33 12.08
C ASP B 350 6.38 5.11 13.39
N PHE B 351 5.93 4.47 14.47
CA PHE B 351 5.96 5.10 15.78
C PHE B 351 7.38 5.47 16.19
N LEU B 352 8.31 4.53 16.03
CA LEU B 352 9.72 4.81 16.34
C LEU B 352 10.31 5.81 15.36
N THR B 353 9.94 5.72 14.08
CA THR B 353 10.45 6.66 13.09
C THR B 353 9.97 8.08 13.38
N ALA B 354 8.74 8.22 13.88
CA ALA B 354 8.23 9.55 14.22
C ALA B 354 9.07 10.22 15.29
N HIS B 355 9.46 9.47 16.33
CA HIS B 355 10.34 10.01 17.34
C HIS B 355 11.71 10.35 16.76
N HIS B 356 12.21 9.48 15.89
CA HIS B 356 13.51 9.70 15.26
C HIS B 356 13.49 10.97 14.40
N GLU B 357 12.44 11.13 13.59
CA GLU B 357 12.36 12.28 12.71
C GLU B 357 12.10 13.57 13.48
N MET B 358 11.28 13.51 14.52
CA MET B 358 11.05 14.70 15.34
C MET B 358 12.31 15.09 16.10
N GLY B 359 13.17 14.12 16.41
CA GLY B 359 14.46 14.45 17.00
C GLY B 359 15.32 15.28 16.05
N HIS B 360 15.23 14.99 14.75
CA HIS B 360 15.89 15.85 13.76
C HIS B 360 15.33 17.27 13.84
N ILE B 361 14.00 17.39 14.00
CA ILE B 361 13.38 18.70 14.07
C ILE B 361 13.78 19.44 15.34
N GLN B 362 13.83 18.74 16.47
CA GLN B 362 14.26 19.35 17.72
C GLN B 362 15.66 19.94 17.58
N TYR B 363 16.57 19.19 16.96
CA TYR B 363 17.90 19.70 16.66
C TYR B 363 17.81 20.97 15.82
N ASP B 364 17.00 20.94 14.76
CA ASP B 364 16.84 22.11 13.90
C ASP B 364 16.29 23.31 14.66
N MET B 365 15.29 23.08 15.51
CA MET B 365 14.71 24.19 16.28
C MET B 365 15.72 24.80 17.23
N ALA B 366 16.66 24.00 17.75
CA ALA B 366 17.57 24.50 18.79
C ALA B 366 18.56 25.51 18.22
N TYR B 367 19.15 25.22 17.06
CA TYR B 367 20.13 26.12 16.47
C TYR B 367 19.52 27.08 15.46
N ALA B 368 18.21 27.35 15.55
CA ALA B 368 17.57 28.24 14.59
C ALA B 368 18.12 29.65 14.68
N ALA B 369 18.57 30.07 15.86
CA ALA B 369 19.09 31.42 16.05
C ALA B 369 20.52 31.59 15.53
N GLN B 370 21.21 30.50 15.22
CA GLN B 370 22.56 30.60 14.70
C GLN B 370 22.56 31.21 13.30
N PRO B 371 23.67 31.81 12.88
CA PRO B 371 23.78 32.28 11.49
C PRO B 371 23.65 31.13 10.51
N PHE B 372 23.27 31.48 9.27
CA PHE B 372 22.92 30.48 8.27
C PHE B 372 23.99 29.40 8.14
N LEU B 373 25.25 29.81 7.96
CA LEU B 373 26.32 28.85 7.73
C LEU B 373 26.56 27.93 8.93
N LEU B 374 26.05 28.30 10.11
CA LEU B 374 26.26 27.53 11.32
C LEU B 374 25.03 26.72 11.74
N ARG B 375 24.05 26.57 10.86
CA ARG B 375 22.83 25.82 11.19
C ARG B 375 22.94 24.40 10.65
N ASN B 376 23.65 23.56 11.40
CA ASN B 376 23.78 22.14 11.07
C ASN B 376 24.31 21.42 12.29
N GLY B 377 24.35 20.09 12.20
CA GLY B 377 24.98 19.31 13.24
C GLY B 377 26.44 19.67 13.43
N ALA B 378 26.95 19.38 14.62
CA ALA B 378 28.35 19.71 14.93
C ALA B 378 29.29 19.11 13.90
N ASN B 379 28.98 17.90 13.42
CA ASN B 379 29.57 17.38 12.20
C ASN B 379 28.56 16.47 11.53
N GLU B 380 28.98 15.84 10.44
CA GLU B 380 28.05 15.09 9.59
C GLU B 380 27.39 13.92 10.30
N GLY B 381 27.94 13.47 11.42
CA GLY B 381 27.39 12.33 12.14
C GLY B 381 26.53 12.67 13.33
N PHE B 382 26.35 13.96 13.65
CA PHE B 382 25.65 14.34 14.86
C PHE B 382 24.14 14.26 14.72
N HIS B 383 23.60 14.65 13.56
CA HIS B 383 22.15 14.74 13.40
C HIS B 383 21.49 13.38 13.55
N GLU B 384 22.02 12.36 12.86
CA GLU B 384 21.42 11.04 12.93
C GLU B 384 21.66 10.38 14.28
N ALA B 385 22.74 10.75 14.98
CA ALA B 385 22.96 10.23 16.32
C ALA B 385 21.86 10.68 17.27
N VAL B 386 21.45 11.95 17.18
CA VAL B 386 20.39 12.46 18.03
C VAL B 386 19.07 11.74 17.74
N GLY B 387 18.78 11.49 16.46
CA GLY B 387 17.55 10.83 16.11
C GLY B 387 17.48 9.39 16.60
N GLU B 388 18.61 8.68 16.56
CA GLU B 388 18.62 7.27 16.94
C GLU B 388 18.35 7.08 18.42
N ILE B 389 18.90 7.96 19.27
CA ILE B 389 18.71 7.79 20.70
C ILE B 389 17.27 8.08 21.11
N MET B 390 16.56 8.89 20.33
CA MET B 390 15.14 9.09 20.60
C MET B 390 14.36 7.81 20.39
N SER B 391 14.66 7.07 19.33
CA SER B 391 13.99 5.79 19.10
C SER B 391 14.41 4.75 20.11
N LEU B 392 15.63 4.87 20.65
CA LEU B 392 16.11 3.91 21.65
C LEU B 392 15.23 3.96 22.89
N SER B 393 14.93 5.16 23.39
CA SER B 393 14.13 5.29 24.60
C SER B 393 12.65 4.97 24.31
N ALA B 394 12.16 5.39 23.14
CA ALA B 394 10.74 5.20 22.83
C ALA B 394 10.37 3.74 22.64
N ALA B 395 11.33 2.89 22.29
CA ALA B 395 11.08 1.47 22.06
C ALA B 395 11.16 0.63 23.32
N THR B 396 11.63 1.18 24.43
CA THR B 396 11.79 0.40 25.65
C THR B 396 10.41 0.00 26.19
N PRO B 397 10.28 -1.22 26.71
CA PRO B 397 8.99 -1.61 27.32
C PRO B 397 8.56 -0.70 28.46
N ASN B 398 9.52 -0.09 29.16
CA ASN B 398 9.18 0.85 30.22
C ASN B 398 8.40 2.04 29.68
N HIS B 399 8.88 2.62 28.57
CA HIS B 399 8.18 3.76 27.98
C HIS B 399 6.86 3.34 27.35
N LEU B 400 6.79 2.11 26.82
CA LEU B 400 5.56 1.65 26.19
C LEU B 400 4.47 1.37 27.21
N LYS B 401 4.84 0.91 28.42
CA LYS B 401 3.84 0.75 29.47
C LYS B 401 3.29 2.09 29.92
N ASN B 402 4.16 3.10 30.04
CA ASN B 402 3.75 4.40 30.57
C ASN B 402 2.79 5.14 29.65
N ILE B 403 2.80 4.84 28.35
CA ILE B 403 1.87 5.45 27.40
C ILE B 403 0.71 4.51 27.08
N GLY B 404 0.62 3.37 27.76
CA GLY B 404 -0.51 2.47 27.61
C GLY B 404 -0.48 1.55 26.42
N LEU B 405 0.68 1.40 25.76
CA LEU B 405 0.78 0.47 24.64
C LEU B 405 1.14 -0.95 25.08
N LEU B 406 1.62 -1.12 26.31
CA LEU B 406 1.81 -2.42 26.92
C LEU B 406 0.94 -2.54 28.17
N PRO B 407 0.53 -3.76 28.53
CA PRO B 407 -0.31 -3.91 29.71
C PRO B 407 0.41 -3.45 30.95
N PRO B 408 -0.32 -2.97 31.97
CA PRO B 408 0.34 -2.48 33.19
C PRO B 408 1.10 -3.56 33.95
N ASP B 409 0.74 -4.84 33.79
CA ASP B 409 1.41 -5.93 34.47
C ASP B 409 2.57 -6.50 33.67
N PHE B 410 3.00 -5.82 32.60
CA PHE B 410 4.06 -6.35 31.75
C PHE B 410 5.32 -6.61 32.56
N SER B 411 5.81 -7.84 32.50
CA SER B 411 7.06 -8.23 33.12
C SER B 411 8.10 -8.45 32.03
N GLU B 412 9.32 -7.98 32.27
CA GLU B 412 10.37 -8.08 31.28
C GLU B 412 10.97 -9.48 31.28
N ASP B 413 11.43 -9.91 30.10
CA ASP B 413 11.98 -11.25 29.91
C ASP B 413 13.37 -11.11 29.31
N SER B 414 14.35 -11.77 29.93
CA SER B 414 15.73 -11.69 29.45
C SER B 414 15.86 -12.31 28.06
N GLU B 415 15.22 -13.46 27.83
CA GLU B 415 15.32 -14.12 26.53
C GLU B 415 14.77 -13.24 25.42
N THR B 416 13.70 -12.49 25.69
CA THR B 416 13.19 -11.54 24.70
C THR B 416 14.19 -10.40 24.48
N ASP B 417 14.85 -9.97 25.55
CA ASP B 417 15.87 -8.93 25.42
C ASP B 417 17.06 -9.42 24.61
N ILE B 418 17.41 -10.70 24.76
CA ILE B 418 18.49 -11.27 23.96
C ILE B 418 18.11 -11.31 22.49
N ASN B 419 16.86 -11.64 22.19
CA ASN B 419 16.37 -11.58 20.82
C ASN B 419 16.46 -10.16 20.28
N PHE B 420 16.18 -9.17 21.13
CA PHE B 420 16.26 -7.77 20.70
C PHE B 420 17.71 -7.35 20.48
N LEU B 421 18.60 -7.72 21.40
CA LEU B 421 19.98 -7.27 21.31
C LEU B 421 20.70 -7.88 20.12
N LEU B 422 20.42 -9.15 19.81
CA LEU B 422 21.06 -9.78 18.66
C LEU B 422 20.63 -9.11 17.36
N LYS B 423 19.32 -8.87 17.20
CA LYS B 423 18.83 -8.18 16.01
C LYS B 423 19.43 -6.79 15.91
N GLN B 424 19.60 -6.11 17.06
CA GLN B 424 20.28 -4.82 17.05
C GLN B 424 21.73 -4.96 16.60
N ALA B 425 22.43 -6.00 17.06
CA ALA B 425 23.84 -6.17 16.72
C ALA B 425 24.01 -6.51 15.25
N LEU B 426 23.10 -7.31 14.69
CA LEU B 426 23.16 -7.62 13.27
C LEU B 426 23.08 -6.35 12.42
N THR B 427 22.36 -5.35 12.89
CA THR B 427 22.24 -4.06 12.21
C THR B 427 23.36 -3.10 12.61
N ILE B 428 23.58 -2.92 13.91
CA ILE B 428 24.50 -1.89 14.38
C ILE B 428 25.94 -2.38 14.32
N VAL B 429 26.21 -3.56 14.86
CA VAL B 429 27.58 -4.06 14.94
C VAL B 429 28.05 -4.60 13.61
N GLY B 430 27.15 -5.29 12.87
CA GLY B 430 27.55 -5.93 11.63
C GLY B 430 28.02 -4.95 10.57
N THR B 431 27.56 -3.70 10.64
CA THR B 431 27.92 -2.71 9.63
C THR B 431 29.23 -1.99 9.93
N LEU B 432 29.71 -2.05 11.17
CA LEU B 432 30.91 -1.30 11.53
C LEU B 432 32.15 -1.81 10.81
N PRO B 433 32.46 -3.11 10.75
CA PRO B 433 33.61 -3.54 9.95
C PRO B 433 33.40 -3.32 8.46
N PHE B 434 32.18 -3.54 7.97
CA PHE B 434 31.87 -3.25 6.57
C PHE B 434 32.14 -1.78 6.24
N THR B 435 31.62 -0.88 7.07
CA THR B 435 31.78 0.56 6.82
C THR B 435 33.25 0.97 6.93
N TYR B 436 33.93 0.49 7.98
CA TYR B 436 35.34 0.86 8.19
C TYR B 436 36.21 0.38 7.04
N MET B 437 36.00 -0.85 6.57
CA MET B 437 36.84 -1.41 5.52
C MET B 437 36.57 -0.74 4.17
N LEU B 438 35.31 -0.39 3.89
CA LEU B 438 34.98 0.27 2.64
C LEU B 438 35.67 1.63 2.54
N GLU B 439 35.63 2.36 3.65
CA GLU B 439 36.23 3.70 3.70
C GLU B 439 37.75 3.61 3.68
N LYS B 440 38.32 2.61 4.36
CA LYS B 440 39.76 2.40 4.37
C LYS B 440 40.27 2.09 2.96
N TRP B 441 39.52 1.30 2.20
CA TRP B 441 39.95 0.97 0.83
C TRP B 441 39.95 2.22 -0.04
N ARG B 442 38.91 3.05 0.03
CA ARG B 442 38.89 4.27 -0.79
C ARG B 442 39.97 5.25 -0.33
N TRP B 443 40.16 5.38 0.99
CA TRP B 443 41.24 6.24 1.48
C TRP B 443 42.59 5.80 0.92
N MET B 444 42.86 4.50 0.93
CA MET B 444 44.12 4.00 0.39
C MET B 444 44.18 4.13 -1.12
N VAL B 445 43.03 3.99 -1.79
CA VAL B 445 42.99 4.16 -3.24
C VAL B 445 43.26 5.61 -3.61
N PHE B 446 42.58 6.55 -2.92
CA PHE B 446 42.79 7.97 -3.19
C PHE B 446 44.24 8.37 -2.91
N LYS B 447 44.85 7.81 -1.86
CA LYS B 447 46.22 8.13 -1.52
C LYS B 447 47.23 7.54 -2.49
N GLY B 448 46.86 6.48 -3.21
CA GLY B 448 47.78 5.81 -4.10
C GLY B 448 48.50 4.62 -3.50
N GLU B 449 48.12 4.19 -2.30
CA GLU B 449 48.72 3.02 -1.68
C GLU B 449 48.23 1.73 -2.30
N ILE B 450 47.10 1.75 -3.00
CA ILE B 450 46.58 0.61 -3.74
C ILE B 450 46.57 0.98 -5.21
N PRO B 451 47.52 0.47 -5.99
CA PRO B 451 47.54 0.78 -7.43
C PRO B 451 46.33 0.19 -8.14
N LYS B 452 46.05 0.76 -9.32
CA LYS B 452 44.87 0.35 -10.07
C LYS B 452 44.93 -1.13 -10.46
N GLU B 453 46.13 -1.65 -10.71
CA GLU B 453 46.28 -3.08 -11.00
C GLU B 453 46.08 -3.96 -9.78
N GLN B 454 45.84 -3.38 -8.60
CA GLN B 454 45.59 -4.15 -7.38
C GLN B 454 44.28 -3.77 -6.70
N TRP B 455 43.41 -3.03 -7.37
CA TRP B 455 42.17 -2.56 -6.74
C TRP B 455 41.35 -3.73 -6.19
N MET B 456 40.98 -4.68 -7.04
CA MET B 456 40.15 -5.79 -6.60
C MET B 456 40.93 -6.77 -5.73
N GLN B 457 42.24 -6.91 -5.96
CA GLN B 457 43.03 -7.79 -5.12
C GLN B 457 43.02 -7.32 -3.66
N LYS B 458 43.20 -6.01 -3.45
CA LYS B 458 43.18 -5.47 -2.10
C LYS B 458 41.76 -5.38 -1.55
N TRP B 459 40.75 -5.25 -2.42
CA TRP B 459 39.38 -5.20 -1.94
C TRP B 459 38.99 -6.48 -1.21
N TRP B 460 39.28 -7.62 -1.81
CA TRP B 460 38.90 -8.89 -1.22
C TRP B 460 39.91 -9.40 -0.20
N GLU B 461 41.17 -8.99 -0.29
CA GLU B 461 42.10 -9.25 0.80
C GLU B 461 41.62 -8.58 2.08
N MET B 462 41.15 -7.33 1.97
CA MET B 462 40.68 -6.60 3.15
C MET B 462 39.33 -7.12 3.62
N LYS B 463 38.43 -7.47 2.69
CA LYS B 463 37.16 -8.07 3.09
C LYS B 463 37.37 -9.36 3.88
N ARG B 464 38.30 -10.21 3.43
CA ARG B 464 38.60 -11.43 4.17
C ARG B 464 39.19 -11.11 5.54
N ASP B 465 40.21 -10.26 5.57
CA ASP B 465 40.95 -10.01 6.81
C ASP B 465 40.11 -9.20 7.80
N ILE B 466 39.55 -8.08 7.35
CA ILE B 466 38.89 -7.15 8.26
C ILE B 466 37.45 -7.59 8.54
N VAL B 467 36.71 -7.92 7.49
CA VAL B 467 35.28 -8.18 7.63
C VAL B 467 34.96 -9.66 7.87
N GLY B 468 35.92 -10.56 7.60
CA GLY B 468 35.62 -11.97 7.68
C GLY B 468 34.66 -12.44 6.61
N VAL B 469 34.68 -11.79 5.44
CA VAL B 469 33.80 -12.10 4.34
C VAL B 469 34.64 -12.44 3.13
N VAL B 470 34.24 -13.48 2.39
CA VAL B 470 35.02 -13.99 1.26
C VAL B 470 34.14 -13.96 0.01
N GLU B 471 34.74 -13.60 -1.11
CA GLU B 471 34.01 -13.56 -2.37
C GLU B 471 33.69 -14.99 -2.83
N PRO B 472 32.50 -15.22 -3.38
CA PRO B 472 32.15 -16.57 -3.85
C PRO B 472 32.78 -16.95 -5.18
N LEU B 473 33.18 -15.97 -5.99
CA LEU B 473 33.82 -16.21 -7.27
C LEU B 473 35.02 -15.27 -7.40
N PRO B 474 36.08 -15.69 -8.07
CA PRO B 474 37.26 -14.84 -8.19
C PRO B 474 36.99 -13.64 -9.09
N HIS B 475 37.45 -12.47 -8.64
CA HIS B 475 37.22 -11.22 -9.35
C HIS B 475 38.56 -10.56 -9.63
N ASP B 476 38.89 -10.43 -10.90
CA ASP B 476 40.11 -9.75 -11.31
C ASP B 476 39.84 -8.26 -11.45
N GLU B 477 40.80 -7.51 -12.00
CA GLU B 477 40.70 -6.06 -12.04
C GLU B 477 39.72 -5.54 -13.09
N THR B 478 39.07 -6.43 -13.85
CA THR B 478 37.98 -5.97 -14.70
C THR B 478 36.73 -5.66 -13.89
N TYR B 479 36.65 -6.15 -12.67
CA TYR B 479 35.55 -5.83 -11.76
C TYR B 479 35.81 -4.50 -11.06
N CYS B 480 34.74 -3.95 -10.48
CA CYS B 480 34.82 -2.81 -9.57
C CYS B 480 33.71 -2.99 -8.53
N ASP B 481 33.91 -3.96 -7.64
CA ASP B 481 32.87 -4.30 -6.67
C ASP B 481 32.51 -3.16 -5.72
N PRO B 482 33.45 -2.33 -5.22
CA PRO B 482 33.02 -1.21 -4.38
C PRO B 482 32.03 -0.28 -5.06
N ALA B 483 32.23 0.00 -6.36
CA ALA B 483 31.32 0.86 -7.09
C ALA B 483 29.92 0.29 -7.21
N ALA B 484 29.73 -0.99 -6.87
CA ALA B 484 28.41 -1.60 -6.91
C ALA B 484 27.54 -1.21 -5.72
N LEU B 485 28.07 -0.43 -4.79
CA LEU B 485 27.27 0.15 -3.71
C LEU B 485 26.91 1.58 -4.07
N PHE B 486 25.71 2.00 -3.67
CA PHE B 486 25.18 3.31 -4.07
C PHE B 486 26.14 4.44 -3.73
N HIS B 487 26.69 4.42 -2.51
CA HIS B 487 27.46 5.56 -2.02
C HIS B 487 28.79 5.70 -2.75
N VAL B 488 29.32 4.62 -3.30
CA VAL B 488 30.59 4.71 -4.01
C VAL B 488 30.37 5.25 -5.42
N ALA B 489 29.38 4.72 -6.14
CA ALA B 489 29.09 5.19 -7.48
C ALA B 489 28.53 6.61 -7.51
N ASN B 490 27.94 7.08 -6.40
CA ASN B 490 27.31 8.39 -6.37
C ASN B 490 28.08 9.40 -5.54
N ASP B 491 29.36 9.15 -5.27
CA ASP B 491 30.30 10.14 -4.74
C ASP B 491 29.83 10.69 -3.39
N TYR B 492 29.65 9.78 -2.44
CA TYR B 492 29.31 10.13 -1.07
C TYR B 492 30.31 9.49 -0.12
N SER B 493 30.79 10.28 0.83
CA SER B 493 31.65 9.75 1.90
C SER B 493 30.84 8.77 2.77
N PHE B 494 31.50 7.76 3.30
CA PHE B 494 30.82 6.66 3.96
C PHE B 494 31.16 6.53 5.44
N ILE B 495 32.22 7.18 5.92
CA ILE B 495 32.65 7.01 7.31
C ILE B 495 31.63 7.56 8.30
N ARG B 496 30.69 8.39 7.84
CA ARG B 496 29.72 8.99 8.75
C ARG B 496 28.88 7.92 9.45
N TYR B 497 28.60 6.80 8.77
CA TYR B 497 27.84 5.73 9.40
C TYR B 497 28.64 5.04 10.49
N TYR B 498 29.96 5.10 10.43
CA TYR B 498 30.79 4.61 11.53
C TYR B 498 30.75 5.60 12.70
N THR B 499 31.07 6.87 12.45
CA THR B 499 31.16 7.85 13.53
C THR B 499 29.80 8.09 14.17
N ARG B 500 28.72 8.16 13.36
CA ARG B 500 27.39 8.35 13.92
C ARG B 500 27.04 7.27 14.91
N THR B 501 27.46 6.03 14.64
CA THR B 501 27.13 4.92 15.53
C THR B 501 27.90 5.04 16.84
N ILE B 502 29.16 5.46 16.79
CA ILE B 502 29.92 5.70 18.02
C ILE B 502 29.29 6.85 18.80
N TYR B 503 28.93 7.93 18.11
CA TYR B 503 28.39 9.11 18.79
C TYR B 503 27.10 8.78 19.54
N GLN B 504 26.20 8.02 18.91
CA GLN B 504 24.86 7.85 19.47
C GLN B 504 24.89 7.14 20.82
N PHE B 505 25.83 6.21 21.02
CA PHE B 505 25.92 5.53 22.30
C PHE B 505 26.69 6.33 23.34
N GLN B 506 27.59 7.21 22.90
CA GLN B 506 28.17 8.17 23.83
C GLN B 506 27.11 9.13 24.36
N PHE B 507 26.27 9.64 23.47
CA PHE B 507 25.15 10.50 23.88
C PHE B 507 24.22 9.74 24.83
N GLN B 508 23.85 8.51 24.45
CA GLN B 508 22.88 7.76 25.24
C GLN B 508 23.41 7.47 26.64
N GLU B 509 24.66 7.01 26.75
CA GLU B 509 25.22 6.69 28.06
C GLU B 509 25.27 7.92 28.95
N ALA B 510 25.68 9.06 28.39
CA ALA B 510 25.77 10.29 29.17
C ALA B 510 24.40 10.73 29.67
N LEU B 511 23.41 10.76 28.76
CA LEU B 511 22.07 11.22 29.15
C LEU B 511 21.38 10.23 30.08
N CYS B 512 21.74 8.95 30.01
CA CYS B 512 21.10 7.96 30.87
C CYS B 512 21.62 8.01 32.30
N GLN B 513 22.87 8.45 32.50
CA GLN B 513 23.34 8.69 33.86
C GLN B 513 22.68 9.90 34.47
N ILE B 514 22.50 10.97 33.67
CA ILE B 514 21.78 12.14 34.13
C ILE B 514 20.34 11.77 34.48
N ALA B 515 19.73 10.89 33.68
CA ALA B 515 18.37 10.44 33.90
C ALA B 515 18.25 9.44 35.04
N LYS B 516 19.35 9.12 35.73
CA LYS B 516 19.32 8.29 36.93
C LYS B 516 18.90 6.85 36.63
N HIS B 517 19.29 6.34 35.47
CA HIS B 517 18.95 4.98 35.08
C HIS B 517 19.82 3.97 35.81
N GLU B 518 19.19 2.97 36.41
CA GLU B 518 19.88 1.86 37.04
C GLU B 518 19.74 0.61 36.17
N GLY B 519 20.82 -0.15 36.08
CA GLY B 519 20.81 -1.38 35.33
C GLY B 519 21.48 -1.28 33.97
N PRO B 520 21.32 -2.32 33.15
CA PRO B 520 21.97 -2.33 31.83
C PRO B 520 21.55 -1.14 30.97
N LEU B 521 22.49 -0.70 30.14
CA LEU B 521 22.28 0.51 29.35
C LEU B 521 21.16 0.35 28.33
N TYR B 522 20.99 -0.86 27.78
CA TYR B 522 19.99 -1.04 26.72
C TYR B 522 18.55 -0.91 27.19
N LYS B 523 18.32 -0.86 28.51
CA LYS B 523 16.99 -0.71 29.06
C LYS B 523 16.67 0.72 29.45
N CYS B 524 17.56 1.67 29.12
CA CYS B 524 17.41 3.04 29.60
C CYS B 524 16.31 3.77 28.83
N ASP B 525 15.46 4.48 29.57
CA ASP B 525 14.44 5.35 29.01
C ASP B 525 14.62 6.72 29.63
N ILE B 526 14.94 7.72 28.81
CA ILE B 526 15.26 9.04 29.33
C ILE B 526 14.01 9.89 29.49
N SER B 527 12.84 9.25 29.34
CA SER B 527 11.58 9.98 29.44
C SER B 527 11.43 10.59 30.83
N ASN B 528 10.85 11.80 30.88
CA ASN B 528 10.52 12.56 32.07
C ASN B 528 11.75 13.14 32.76
N SER B 529 12.94 12.93 32.21
CA SER B 529 14.17 13.52 32.77
C SER B 529 14.41 14.86 32.08
N ARG B 530 13.99 15.95 32.74
CA ARG B 530 14.20 17.27 32.18
C ARG B 530 15.67 17.68 32.18
N GLU B 531 16.49 17.09 33.05
CA GLU B 531 17.91 17.41 33.04
C GLU B 531 18.60 16.79 31.83
N ALA B 532 18.16 15.60 31.42
CA ALA B 532 18.73 14.97 30.23
C ALA B 532 18.43 15.80 28.98
N GLY B 533 17.20 16.26 28.83
CA GLY B 533 16.86 17.07 27.67
C GLY B 533 17.53 18.44 27.70
N GLN B 534 17.65 19.03 28.89
CA GLN B 534 18.34 20.30 29.01
C GLN B 534 19.82 20.15 28.70
N LYS B 535 20.42 19.03 29.08
CA LYS B 535 21.82 18.78 28.75
C LYS B 535 22.02 18.61 27.24
N LEU B 536 21.16 17.83 26.60
CA LEU B 536 21.27 17.63 25.16
C LEU B 536 21.02 18.93 24.41
N HIS B 537 20.05 19.73 24.88
CA HIS B 537 19.75 20.99 24.21
C HIS B 537 20.91 21.98 24.31
N GLU B 538 21.72 21.88 25.36
CA GLU B 538 22.93 22.69 25.45
C GLU B 538 23.81 22.50 24.22
N MET B 539 23.91 21.26 23.74
CA MET B 539 24.72 20.97 22.57
C MET B 539 23.98 21.28 21.28
N LEU B 540 22.69 20.94 21.21
CA LEU B 540 21.91 21.17 19.99
C LEU B 540 21.90 22.64 19.61
N SER B 541 21.82 23.53 20.60
CA SER B 541 21.77 24.97 20.32
C SER B 541 23.06 25.50 19.72
N LEU B 542 24.17 24.76 19.86
CA LEU B 542 25.42 25.21 19.26
C LEU B 542 25.38 25.16 17.74
N GLY B 543 24.64 24.22 17.17
CA GLY B 543 24.69 24.03 15.73
C GLY B 543 26.11 23.70 15.30
N ARG B 544 26.66 24.54 14.44
CA ARG B 544 28.05 24.44 14.00
C ARG B 544 28.88 25.61 14.50
N SER B 545 28.42 26.29 15.56
CA SER B 545 29.13 27.48 16.02
C SER B 545 30.42 27.13 16.76
N LYS B 546 30.48 25.96 17.38
CA LYS B 546 31.66 25.49 18.08
C LYS B 546 32.17 24.22 17.42
N PRO B 547 33.45 23.88 17.64
CA PRO B 547 33.96 22.60 17.11
C PRO B 547 33.17 21.42 17.64
N TRP B 548 33.10 20.36 16.83
CA TRP B 548 32.35 19.17 17.23
C TRP B 548 32.98 18.51 18.46
N THR B 549 34.29 18.67 18.65
CA THR B 549 34.91 18.18 19.87
C THR B 549 34.36 18.90 21.09
N PHE B 550 34.13 20.21 20.98
CA PHE B 550 33.54 20.96 22.08
C PHE B 550 32.09 20.54 22.30
N ALA B 551 31.32 20.37 21.21
CA ALA B 551 29.92 19.99 21.34
C ALA B 551 29.77 18.61 21.97
N LEU B 552 30.65 17.67 21.59
CA LEU B 552 30.61 16.33 22.20
C LEU B 552 30.90 16.41 23.70
N GLU B 553 31.85 17.26 24.08
CA GLU B 553 32.21 17.38 25.49
C GLU B 553 31.06 17.93 26.33
N ARG B 554 30.22 18.80 25.76
CA ARG B 554 29.12 19.37 26.52
C ARG B 554 28.13 18.31 26.97
N VAL B 555 28.00 17.22 26.20
CA VAL B 555 27.07 16.16 26.54
C VAL B 555 27.74 15.05 27.35
N VAL B 556 28.91 14.60 26.91
CA VAL B 556 29.53 13.39 27.45
C VAL B 556 30.77 13.68 28.27
N GLY B 557 31.20 14.94 28.36
CA GLY B 557 32.36 15.31 29.14
C GLY B 557 33.69 14.95 28.52
N ALA B 558 33.70 14.30 27.36
CA ALA B 558 34.92 13.98 26.64
C ALA B 558 34.87 14.62 25.26
N LYS B 559 36.03 15.03 24.76
CA LYS B 559 36.13 15.75 23.51
C LYS B 559 36.40 14.87 22.30
N THR B 560 36.60 13.57 22.50
CA THR B 560 36.91 12.68 21.39
C THR B 560 35.96 11.49 21.41
N MET B 561 35.87 10.83 20.25
CA MET B 561 34.99 9.65 20.04
C MET B 561 35.46 8.47 20.90
N ASP B 562 34.49 7.78 21.52
CA ASP B 562 34.77 6.70 22.46
C ASP B 562 33.79 5.56 22.22
N VAL B 563 34.32 4.38 21.89
CA VAL B 563 33.47 3.24 21.52
C VAL B 563 33.03 2.39 22.71
N ARG B 564 33.60 2.61 23.90
CA ARG B 564 33.19 1.82 25.06
C ARG B 564 31.70 1.95 25.40
N PRO B 565 31.06 3.11 25.27
CA PRO B 565 29.59 3.14 25.41
C PRO B 565 28.86 2.16 24.50
N LEU B 566 29.30 2.03 23.24
CA LEU B 566 28.69 1.06 22.34
C LEU B 566 28.89 -0.35 22.86
N LEU B 567 30.13 -0.69 23.24
CA LEU B 567 30.39 -2.00 23.82
C LEU B 567 29.61 -2.21 25.10
N ASN B 568 29.40 -1.15 25.87
CA ASN B 568 28.60 -1.24 27.08
C ASN B 568 27.16 -1.60 26.78
N TYR B 569 26.59 -1.00 25.73
CA TYR B 569 25.22 -1.28 25.35
C TYR B 569 25.03 -2.75 24.99
N PHE B 570 26.02 -3.37 24.36
CA PHE B 570 25.92 -4.74 23.88
C PHE B 570 26.58 -5.74 24.83
N GLU B 571 27.00 -5.29 26.01
CA GLU B 571 27.69 -6.20 26.93
C GLU B 571 26.87 -7.42 27.33
N PRO B 572 25.56 -7.32 27.64
CA PRO B 572 24.80 -8.54 27.91
C PRO B 572 24.77 -9.50 26.74
N LEU B 573 24.72 -8.99 25.51
CA LEU B 573 24.78 -9.87 24.34
C LEU B 573 26.16 -10.50 24.20
N PHE B 574 27.22 -9.72 24.46
CA PHE B 574 28.57 -10.27 24.44
C PHE B 574 28.70 -11.46 25.40
N THR B 575 28.07 -11.35 26.58
CA THR B 575 28.09 -12.45 27.53
C THR B 575 27.35 -13.67 27.01
N TRP B 576 26.20 -13.45 26.36
CA TRP B 576 25.44 -14.57 25.81
C TRP B 576 26.13 -15.18 24.60
N LEU B 577 26.77 -14.35 23.76
CA LEU B 577 27.47 -14.86 22.59
C LEU B 577 28.66 -15.73 22.99
N LYS B 578 29.41 -15.29 24.01
CA LYS B 578 30.57 -16.07 24.45
C LYS B 578 30.15 -17.45 24.95
N GLU B 579 28.99 -17.54 25.60
CA GLU B 579 28.49 -18.84 26.05
C GLU B 579 27.99 -19.69 24.89
N GLN B 580 27.44 -19.06 23.85
CA GLN B 580 26.99 -19.78 22.68
C GLN B 580 28.14 -20.26 21.81
N ASN B 581 29.30 -19.61 21.90
CA ASN B 581 30.46 -19.93 21.06
C ASN B 581 31.46 -20.84 21.76
N ARG B 582 31.06 -21.51 22.85
CA ARG B 582 32.01 -22.37 23.56
C ARG B 582 32.49 -23.52 22.69
N ASN B 583 31.57 -24.12 21.91
CA ASN B 583 31.91 -25.21 21.02
C ASN B 583 32.05 -24.76 19.57
N SER B 584 32.31 -23.47 19.34
CA SER B 584 32.49 -22.93 18.01
C SER B 584 33.81 -22.17 17.93
N PHE B 585 34.43 -22.22 16.75
CA PHE B 585 35.63 -21.44 16.50
C PHE B 585 35.28 -19.97 16.38
N VAL B 586 36.06 -19.12 17.03
CA VAL B 586 35.86 -17.67 16.99
C VAL B 586 37.04 -17.07 16.25
N GLY B 587 36.75 -16.34 15.18
CA GLY B 587 37.75 -15.88 14.24
C GLY B 587 37.57 -16.55 12.89
N TRP B 588 38.54 -16.32 12.01
CA TRP B 588 38.44 -16.87 10.67
C TRP B 588 39.82 -16.92 10.02
N ASN B 589 40.01 -17.94 9.18
CA ASN B 589 41.15 -18.00 8.28
C ASN B 589 40.79 -17.35 6.96
N THR B 590 41.79 -16.75 6.31
CA THR B 590 41.60 -16.05 5.05
C THR B 590 42.06 -16.86 3.84
N ASP B 591 42.21 -18.17 3.98
CA ASP B 591 42.63 -19.01 2.87
C ASP B 591 41.47 -19.77 2.22
N TRP B 592 40.35 -19.91 2.90
CA TRP B 592 39.23 -20.66 2.36
C TRP B 592 38.34 -19.76 1.50
N SER B 593 37.69 -20.35 0.52
CA SER B 593 36.75 -19.66 -0.36
C SER B 593 35.85 -20.71 -1.00
N PRO B 594 34.61 -20.33 -1.38
CA PRO B 594 33.67 -21.28 -1.98
C PRO B 594 34.22 -21.85 -3.31
N TYR B 595 35.22 -21.20 -3.88
CA TYR B 595 35.79 -21.65 -5.16
C TYR B 595 37.08 -22.42 -4.95
N ALA B 596 37.62 -22.42 -3.72
CA ALA B 596 38.68 -23.35 -3.27
C ALA B 596 38.46 -23.84 -1.82
N ASP B 597 38.09 -25.12 -1.62
CA ASP B 597 37.73 -25.63 -0.26
C ASP B 597 38.99 -25.93 0.55
N HIS B 598 40.16 -25.63 0.00
CA HIS B 598 41.40 -25.90 0.70
C HIS B 598 41.62 -24.87 1.80
N HIS B 599 42.30 -25.30 2.85
CA HIS B 599 42.72 -24.41 3.91
C HIS B 599 44.24 -24.32 3.87
N HIS B 600 44.79 -23.26 4.45
CA HIS B 600 46.23 -23.02 4.40
C HIS B 600 46.68 -22.87 2.95
C1 NAG C . 45.76 20.12 18.00
C2 NAG C . 45.96 18.63 17.68
C3 NAG C . 47.26 18.11 18.31
C4 NAG C . 48.44 19.00 17.92
C5 NAG C . 48.12 20.44 18.29
C6 NAG C . 49.22 21.41 17.92
C7 NAG C . 44.17 16.94 17.43
C8 NAG C . 43.03 16.25 18.10
N2 NAG C . 44.83 17.85 18.17
O3 NAG C . 47.50 16.78 17.87
O4 NAG C . 49.60 18.58 18.64
O5 NAG C . 46.93 20.86 17.63
O6 NAG C . 49.30 21.60 16.51
O7 NAG C . 44.48 16.71 16.26
C1 NAG C . 50.59 18.03 17.75
C2 NAG C . 51.93 18.10 18.47
C3 NAG C . 53.03 17.45 17.63
C4 NAG C . 52.62 16.04 17.24
C5 NAG C . 51.27 16.06 16.54
C6 NAG C . 50.75 14.67 16.22
C7 NAG C . 51.96 20.02 19.99
C8 NAG C . 52.39 21.45 20.17
N2 NAG C . 52.27 19.47 18.81
O3 NAG C . 54.25 17.43 18.36
O4 NAG C . 53.60 15.48 16.36
O5 NAG C . 50.29 16.67 17.40
O6 NAG C . 49.99 14.14 17.29
O7 NAG C . 51.35 19.41 20.86
C1 FUC C . 50.44 22.46 16.27
C2 FUC C . 50.91 22.17 14.84
C3 FUC C . 49.86 22.62 13.83
C4 FUC C . 49.50 24.10 14.06
C5 FUC C . 49.06 24.31 15.52
C6 FUC C . 48.83 25.78 15.89
O2 FUC C . 51.26 20.80 14.64
O3 FUC C . 50.36 22.50 12.50
O4 FUC C . 50.61 24.92 13.77
O5 FUC C . 50.07 23.82 16.43
C1 NAG D . -42.16 -31.77 -1.45
C2 NAG D . -42.09 -33.11 -2.18
C3 NAG D . -43.00 -34.14 -1.52
C4 NAG D . -42.70 -34.23 -0.03
C5 NAG D . -42.80 -32.86 0.61
C6 NAG D . -42.41 -32.86 2.07
C7 NAG D . -41.52 -33.07 -4.58
C8 NAG D . -42.03 -32.90 -5.97
N2 NAG D . -42.42 -32.96 -3.59
O3 NAG D . -42.81 -35.41 -2.14
O4 NAG D . -43.63 -35.11 0.60
O5 NAG D . -41.90 -31.97 -0.05
O6 NAG D . -41.01 -32.72 2.24
O7 NAG D . -40.33 -33.31 -4.34
C1 NAG E . 2.82 -5.51 -7.95
C2 NAG E . 1.96 -4.24 -7.85
C3 NAG E . 2.80 -2.99 -8.12
C4 NAG E . 4.01 -2.95 -7.21
C5 NAG E . 4.81 -4.24 -7.36
C6 NAG E . 5.99 -4.33 -6.41
C7 NAG E . -0.45 -4.20 -8.37
C8 NAG E . -1.47 -4.25 -9.46
N2 NAG E . 0.83 -4.30 -8.77
O3 NAG E . 2.00 -1.83 -7.92
O4 NAG E . 4.84 -1.84 -7.54
O5 NAG E . 3.97 -5.37 -7.08
O6 NAG E . 6.14 -3.12 -5.66
O7 NAG E . -0.75 -4.09 -7.19
C1 NAG F . -26.53 -28.63 -29.93
C2 NAG F . -25.42 -29.16 -30.83
C3 NAG F . -25.83 -29.10 -32.30
C4 NAG F . -27.17 -29.81 -32.50
C5 NAG F . -28.21 -29.22 -31.55
C6 NAG F . -29.54 -29.95 -31.63
C7 NAG F . -23.14 -28.92 -29.95
C8 NAG F . -21.95 -28.01 -29.81
N2 NAG F . -24.18 -28.42 -30.62
O3 NAG F . -24.83 -29.72 -33.10
O4 NAG F . -27.61 -29.67 -33.85
O5 NAG F . -27.76 -29.35 -30.20
O6 NAG F . -29.36 -31.36 -31.65
O7 NAG F . -23.15 -30.06 -29.46
ZN ZN G . -26.43 -12.88 -12.48
C1 NAG H . 3.12 21.90 25.04
C2 NAG H . 3.48 22.86 26.17
C3 NAG H . 2.60 22.61 27.40
C4 NAG H . 1.12 22.64 27.01
C5 NAG H . 0.87 21.63 25.89
C6 NAG H . -0.56 21.64 25.40
C7 NAG H . 5.83 23.56 26.04
C8 NAG H . 7.23 23.30 26.53
N2 NAG H . 4.89 22.76 26.54
O3 NAG H . 2.85 23.62 28.37
O4 NAG H . 0.31 22.32 28.13
O5 NAG H . 1.71 21.95 24.77
O6 NAG H . -1.45 22.18 26.37
O7 NAG H . 5.58 24.45 25.24
ZN ZN I . 17.47 10.30 10.61
#